data_3TT3
#
_entry.id   3TT3
#
_cell.length_a   128.838
_cell.length_b   169.804
_cell.length_c   130.417
_cell.angle_alpha   90.00
_cell.angle_beta   90.00
_cell.angle_gamma   90.00
#
_symmetry.space_group_name_H-M   'C 2 2 21'
#
loop_
_entity.id
_entity.type
_entity.pdbx_description
1 polymer 'Leucine transporter LeuT'
2 polymer 'mouse monoclonal 1gG1 Fab fragment, heavy chain'
3 polymer 'mouse monoclonal 1gG1 Fab fragment, kappa light chain'
4 non-polymer 'octyl 1-thio-beta-D-glucopyranoside'
#
loop_
_entity_poly.entity_id
_entity_poly.type
_entity_poly.pdbx_seq_one_letter_code
_entity_poly.pdbx_strand_id
1 'polypeptide(L)'
;MEVKREHWATRLGLILAMAGNAVGLGNFLRFPVQAAENGGGAFMIPYIIAFLLVGIPLMWIEWAMGRYGGAQGHGTTPAI
FYLLWRNRFAKILGVFGLWIPLVVAIYYVYIESWTLGFAIKFLVGLVPEPPPNATDPDSILRPFKEFLYSYIGVPKGDEP
ILKPSLFAYIVFLITMFINVSILIRGISKGIERFAKIAMPTLFILAVFLVIRVFLLETPNGTAADGLNFLWTPDFEKLKD
PGVWIAAVGQIFFTLSLGFGAIITYASAVRKDQDIVLSGLTAATLNEAAEVILGGSISIPAAVAFFGVANAVAIAKAGAF
NLGFITLPAIFSQTAGGTFLGFLWFFLLFFAGLVASIAIMQPMIAFLEDELKLSRKHAVLWTAAIVFFSAHLVMFLNKSL
DEMDFWAGTIGVVFFGLTELIIFFWIFGADKAWEEINRGGIIKVPRIYYYVMRYITPAFLAVLLVVWAREYIPKIMEETH
WTVWITRFYIIGLFLFLTFLVFLAERRRNHESAGTLVPR
;
A
2 'polypeptide(L)'
;DIVLTQSPTYLAVSLGQRATISCRASESVDTYDNSFIHWYQQKPGQPPKLLIYRASNLESGIPARFSGSGSRTDFTLTIN
PVETDDVATYYCQQSNEDPLTFGSGTKLEIKRADAAPTVSIFPPSSEQLTSGGASVVCFLNNFYPKDINVKWKIDGSERQ
NGVLNSWTDQDSKDSTYSMSSTLTLTKDEYERHNSYTCEATHKTSTSPIVKSFNRNEC
;
L
3 'polypeptide(L)'
;QVQLQQSGTELMRPGASVKISCKAFGYTFTNHHINWMKQRPGQGLDWIGYIIPYNDYTTNNRKFKGKATLTVDRSSSTAY
MELSSLTSEDSAVYYCARGNYGSAWFAYWGQGTLVTVSAAKTTPPSVYPLAPGSAAQTNSMVTLGCLVKGYFPEPVTVTW
NSGSLSSGVHTFPAVLQSDLYTLSSSVTVPSSTWPSETVTCNVAHPASSTKVDKKIVPRDC
;
H
#
loop_
_chem_comp.id
_chem_comp.type
_chem_comp.name
_chem_comp.formula
SOG D-saccharide 'octyl 1-thio-beta-D-glucopyranoside' 'C14 H28 O5 S'
#
# COMPACT_ATOMS: atom_id res chain seq x y z
N ARG A 11 29.13 -7.54 15.29
CA ARG A 11 29.54 -6.89 16.52
C ARG A 11 29.72 -5.39 16.34
N LEU A 12 30.88 -4.98 15.85
CA LEU A 12 31.15 -3.57 15.55
C LEU A 12 30.21 -3.05 14.48
N GLY A 13 29.99 -3.88 13.46
CA GLY A 13 29.06 -3.54 12.37
C GLY A 13 27.64 -3.35 12.90
N LEU A 14 27.14 -4.34 13.63
CA LEU A 14 25.80 -4.26 14.22
C LEU A 14 25.66 -3.00 15.07
N ILE A 15 26.73 -2.65 15.80
CA ILE A 15 26.74 -1.46 16.63
C ILE A 15 26.62 -0.16 15.82
N LEU A 16 27.54 0.05 14.87
CA LEU A 16 27.52 1.25 14.03
C LEU A 16 26.20 1.36 13.25
N ALA A 17 25.62 0.21 12.94
CA ALA A 17 24.31 0.11 12.30
C ALA A 17 23.20 0.56 13.23
N MET A 18 23.30 0.17 14.50
CA MET A 18 22.31 0.54 15.49
C MET A 18 22.36 2.04 15.77
N ALA A 19 23.57 2.59 15.79
CA ALA A 19 23.81 4.01 16.02
C ALA A 19 23.29 4.93 14.90
N GLY A 20 23.38 4.47 13.66
CA GLY A 20 22.92 5.27 12.52
C GLY A 20 21.43 5.45 12.30
N ASN A 21 20.62 4.60 12.92
CA ASN A 21 19.18 4.68 12.74
C ASN A 21 18.65 6.03 13.23
N ALA A 22 19.14 6.52 14.36
CA ALA A 22 18.73 7.85 14.70
C ALA A 22 19.86 8.85 14.55
N VAL A 23 19.86 9.52 13.41
CA VAL A 23 20.44 10.83 13.29
C VAL A 23 19.51 11.58 12.37
N GLY A 24 18.76 12.54 12.90
CA GLY A 24 18.07 13.49 12.04
C GLY A 24 18.60 14.90 12.16
N LEU A 25 18.25 15.74 11.20
CA LEU A 25 18.69 17.13 11.21
C LEU A 25 18.14 17.78 12.47
N GLY A 26 17.10 17.16 13.02
CA GLY A 26 16.48 17.66 14.24
C GLY A 26 17.49 17.58 15.36
N ASN A 27 18.37 16.58 15.33
CA ASN A 27 19.38 16.42 16.37
C ASN A 27 20.50 17.47 16.19
N PHE A 28 20.87 17.73 14.94
CA PHE A 28 21.99 18.64 14.67
C PHE A 28 21.64 20.09 14.32
N LEU A 29 20.89 20.33 13.27
CA LEU A 29 20.54 21.70 12.93
C LEU A 29 19.50 22.34 13.85
N ARG A 30 18.39 21.64 14.10
CA ARG A 30 17.30 22.17 14.94
C ARG A 30 17.50 22.28 16.46
N PHE A 31 17.95 21.20 17.09
CA PHE A 31 18.14 21.19 18.55
C PHE A 31 19.00 22.34 19.08
N PRO A 32 20.17 22.57 18.47
CA PRO A 32 21.04 23.66 18.93
C PRO A 32 20.29 24.99 18.93
N VAL A 33 19.54 25.25 17.86
CA VAL A 33 18.78 26.48 17.76
C VAL A 33 17.71 26.53 18.86
N GLN A 34 16.99 25.43 19.06
CA GLN A 34 15.96 25.43 20.11
C GLN A 34 16.53 25.71 21.51
N ALA A 35 17.65 25.06 21.85
CA ALA A 35 18.29 25.25 23.16
C ALA A 35 18.88 26.66 23.35
N ALA A 36 19.55 27.16 22.32
CA ALA A 36 20.18 28.48 22.37
C ALA A 36 19.16 29.62 22.48
N GLU A 37 18.06 29.53 21.74
CA GLU A 37 17.01 30.57 21.77
C GLU A 37 16.33 30.59 23.12
N ASN A 38 16.41 29.49 23.85
CA ASN A 38 15.74 29.37 25.13
C ASN A 38 16.63 29.39 26.36
N GLY A 39 17.90 29.75 26.22
CA GLY A 39 18.74 29.80 27.41
C GLY A 39 19.12 28.40 27.84
N GLY A 40 19.96 27.77 27.03
CA GLY A 40 20.40 26.42 27.30
C GLY A 40 20.70 26.06 28.75
N GLY A 41 20.05 24.96 29.09
CA GLY A 41 20.04 24.28 30.37
C GLY A 41 18.77 24.70 31.07
N ALA A 42 18.32 25.93 30.83
CA ALA A 42 17.06 26.35 31.46
C ALA A 42 16.00 25.57 30.69
N PHE A 43 16.44 25.17 29.50
CA PHE A 43 15.65 24.43 28.52
C PHE A 43 15.74 22.93 28.76
N MET A 44 16.90 22.48 29.23
CA MET A 44 17.15 21.06 29.46
C MET A 44 16.28 20.38 30.50
N ILE A 45 15.94 21.10 31.55
CA ILE A 45 15.09 20.53 32.59
C ILE A 45 13.70 20.17 32.06
N PRO A 46 13.00 21.18 31.48
CA PRO A 46 11.67 20.89 30.94
C PRO A 46 11.77 19.83 29.85
N TYR A 47 12.84 19.88 29.07
CA TYR A 47 13.07 18.93 27.99
C TYR A 47 13.16 17.48 28.49
N ILE A 48 13.97 17.28 29.53
CA ILE A 48 14.15 15.94 30.11
C ILE A 48 12.86 15.45 30.74
N ILE A 49 12.17 16.38 31.41
CA ILE A 49 10.91 16.05 32.04
C ILE A 49 9.88 15.68 30.98
N ALA A 50 9.88 16.41 29.87
CA ALA A 50 8.96 16.13 28.80
C ALA A 50 9.29 14.77 28.20
N PHE A 51 10.57 14.44 28.12
CA PHE A 51 10.94 13.15 27.56
C PHE A 51 10.39 12.01 28.40
N LEU A 52 10.53 12.11 29.72
CA LEU A 52 10.04 11.05 30.58
C LEU A 52 8.52 11.00 30.71
N LEU A 53 7.89 12.18 30.77
CA LEU A 53 6.44 12.27 30.95
C LEU A 53 5.61 12.37 29.67
N VAL A 54 6.25 12.70 28.56
CA VAL A 54 5.54 12.86 27.29
C VAL A 54 6.11 12.04 26.12
N GLY A 55 7.40 12.21 25.84
CA GLY A 55 8.03 11.53 24.72
C GLY A 55 7.87 10.02 24.67
N ILE A 56 8.34 9.33 25.70
CA ILE A 56 8.26 7.86 25.74
C ILE A 56 6.83 7.31 25.63
N PRO A 57 5.92 7.79 26.50
CA PRO A 57 4.55 7.28 26.43
C PRO A 57 3.90 7.51 25.07
N LEU A 58 4.07 8.68 24.47
CA LEU A 58 3.49 8.93 23.13
C LEU A 58 4.18 8.08 22.07
N MET A 59 5.47 7.80 22.22
CA MET A 59 6.13 6.96 21.24
C MET A 59 5.44 5.60 21.23
N TRP A 60 5.23 5.09 22.43
CA TRP A 60 4.57 3.80 22.60
C TRP A 60 3.15 3.88 22.03
N ILE A 61 2.49 5.00 22.30
CA ILE A 61 1.13 5.24 21.84
C ILE A 61 1.05 5.23 20.31
N GLU A 62 2.03 5.86 19.68
CA GLU A 62 2.06 5.93 18.23
C GLU A 62 2.33 4.57 17.61
N TRP A 63 3.21 3.78 18.24
CA TRP A 63 3.46 2.46 17.69
C TRP A 63 2.18 1.62 17.80
N ALA A 64 1.50 1.72 18.94
CA ALA A 64 0.28 0.95 19.13
C ALA A 64 -0.83 1.37 18.17
N MET A 65 -1.04 2.68 18.04
CA MET A 65 -2.05 3.21 17.15
C MET A 65 -1.75 2.87 15.69
N GLY A 66 -0.49 2.95 15.30
CA GLY A 66 -0.10 2.65 13.94
C GLY A 66 -0.32 1.19 13.61
N ARG A 67 0.12 0.32 14.50
CA ARG A 67 -0.04 -1.12 14.29
C ARG A 67 -1.52 -1.49 14.26
N TYR A 68 -2.28 -0.85 15.14
CA TYR A 68 -3.72 -1.06 15.24
C TYR A 68 -4.40 -0.65 13.94
N GLY A 69 -4.05 0.53 13.44
CA GLY A 69 -4.59 1.05 12.21
C GLY A 69 -4.16 0.23 11.01
N GLY A 70 -3.05 -0.49 11.13
CA GLY A 70 -2.57 -1.30 10.03
C GLY A 70 -3.37 -2.60 10.02
N ALA A 71 -3.68 -3.08 11.22
CA ALA A 71 -4.45 -4.31 11.42
C ALA A 71 -5.84 -4.14 10.83
N GLN A 72 -6.23 -2.88 10.64
CA GLN A 72 -7.52 -2.48 10.08
C GLN A 72 -7.34 -1.98 8.65
N GLY A 73 -6.40 -1.07 8.46
CA GLY A 73 -6.10 -0.53 7.14
C GLY A 73 -6.45 0.91 6.80
N HIS A 74 -6.62 1.76 7.80
CA HIS A 74 -6.95 3.16 7.52
C HIS A 74 -5.70 3.85 6.95
N GLY A 75 -4.62 3.79 7.73
CA GLY A 75 -3.33 4.38 7.38
C GLY A 75 -3.04 5.85 7.71
N THR A 76 -4.07 6.67 7.78
CA THR A 76 -3.87 8.09 8.09
C THR A 76 -4.60 8.46 9.37
N THR A 77 -4.14 9.50 10.06
CA THR A 77 -4.77 9.84 11.33
C THR A 77 -6.26 10.22 11.27
N PRO A 78 -6.71 10.82 10.15
CA PRO A 78 -8.14 11.15 10.06
C PRO A 78 -9.02 9.92 10.19
N ALA A 79 -8.56 8.84 9.56
CA ALA A 79 -9.27 7.58 9.55
C ALA A 79 -9.05 6.77 10.82
N ILE A 80 -7.83 6.74 11.33
CA ILE A 80 -7.58 5.98 12.54
C ILE A 80 -8.39 6.64 13.68
N PHE A 81 -8.38 7.97 13.68
CA PHE A 81 -9.12 8.73 14.68
C PHE A 81 -10.60 8.43 14.52
N TYR A 82 -11.03 8.27 13.26
CA TYR A 82 -12.43 7.98 13.06
C TYR A 82 -12.78 6.59 13.59
N LEU A 83 -11.83 5.66 13.48
CA LEU A 83 -12.03 4.30 13.96
C LEU A 83 -12.07 4.26 15.49
N LEU A 84 -11.29 5.13 16.12
CA LEU A 84 -11.25 5.16 17.58
C LEU A 84 -12.38 5.98 18.20
N TRP A 85 -12.86 6.98 17.46
CA TRP A 85 -13.92 7.85 17.93
C TRP A 85 -14.82 8.24 16.77
N ARG A 86 -15.98 7.58 16.67
CA ARG A 86 -16.91 7.82 15.58
C ARG A 86 -17.59 9.18 15.69
N ASN A 87 -16.85 10.26 15.42
CA ASN A 87 -17.43 11.59 15.49
C ASN A 87 -16.80 12.42 14.38
N ARG A 88 -17.61 13.19 13.64
CA ARG A 88 -17.08 14.00 12.55
C ARG A 88 -15.91 14.88 13.02
N PHE A 89 -15.94 15.27 14.29
CA PHE A 89 -14.91 16.12 14.88
C PHE A 89 -13.54 15.43 15.00
N ALA A 90 -13.57 14.09 15.07
CA ALA A 90 -12.35 13.29 15.17
C ALA A 90 -11.52 13.41 13.92
N LYS A 91 -12.18 13.46 12.76
CA LYS A 91 -11.49 13.57 11.48
C LYS A 91 -10.76 14.91 11.38
N ILE A 92 -11.41 15.95 11.88
CA ILE A 92 -10.85 17.28 11.84
C ILE A 92 -9.63 17.36 12.76
N LEU A 93 -9.74 16.83 13.97
CA LEU A 93 -8.57 16.87 14.84
C LEU A 93 -7.48 16.05 14.16
N GLY A 94 -7.92 14.99 13.47
CA GLY A 94 -7.03 14.10 12.75
C GLY A 94 -6.27 14.77 11.62
N VAL A 95 -6.82 15.87 11.11
CA VAL A 95 -6.22 16.64 10.02
C VAL A 95 -4.81 17.13 10.37
N PHE A 96 -4.54 17.33 11.65
CA PHE A 96 -3.24 17.78 12.11
C PHE A 96 -2.16 16.76 11.76
N GLY A 97 -2.56 15.51 11.57
CA GLY A 97 -1.63 14.44 11.24
C GLY A 97 -1.16 14.48 9.79
N LEU A 98 -1.75 15.37 9.01
CA LEU A 98 -1.39 15.59 7.61
C LEU A 98 -0.77 16.98 7.49
N TRP A 99 -1.39 17.91 8.19
CA TRP A 99 -0.96 19.30 8.17
C TRP A 99 0.42 19.47 8.77
N ILE A 100 0.66 18.90 9.94
CA ILE A 100 1.97 19.06 10.56
C ILE A 100 3.12 18.57 9.66
N PRO A 101 3.06 17.30 9.21
CA PRO A 101 4.13 16.77 8.35
C PRO A 101 4.29 17.47 7.01
N LEU A 102 3.16 17.87 6.40
CA LEU A 102 3.22 18.55 5.11
C LEU A 102 3.90 19.92 5.28
N VAL A 103 3.47 20.65 6.31
CA VAL A 103 4.00 21.96 6.61
C VAL A 103 5.48 21.89 6.96
N VAL A 104 5.88 20.88 7.73
CA VAL A 104 7.29 20.74 8.08
C VAL A 104 8.07 20.43 6.82
N ALA A 105 7.48 19.62 5.96
CA ALA A 105 8.13 19.26 4.69
C ALA A 105 8.42 20.51 3.86
N ILE A 106 7.50 21.46 3.86
CA ILE A 106 7.66 22.69 3.06
C ILE A 106 8.95 23.50 3.28
N TYR A 107 9.42 23.57 4.53
CA TYR A 107 10.65 24.29 4.86
C TYR A 107 11.86 23.36 5.06
N TYR A 108 11.53 22.14 5.45
CA TYR A 108 12.51 21.11 5.75
C TYR A 108 13.24 20.80 4.44
N VAL A 109 12.51 20.76 3.32
CA VAL A 109 13.18 20.48 2.06
C VAL A 109 14.16 21.58 1.68
N TYR A 110 13.82 22.82 2.05
CA TYR A 110 14.70 23.96 1.78
C TYR A 110 15.97 23.86 2.61
N ILE A 111 15.83 23.52 3.88
CA ILE A 111 16.99 23.38 4.74
C ILE A 111 17.90 22.28 4.22
N GLU A 112 17.30 21.19 3.76
CA GLU A 112 18.10 20.13 3.19
C GLU A 112 18.88 20.71 2.02
N SER A 113 18.23 21.56 1.22
CA SER A 113 18.95 22.13 0.08
C SER A 113 20.14 22.98 0.57
N TRP A 114 20.03 23.64 1.72
CA TRP A 114 21.20 24.40 2.20
C TRP A 114 22.32 23.41 2.49
N THR A 115 21.98 22.25 3.07
CA THR A 115 23.05 21.29 3.39
C THR A 115 23.74 20.76 2.14
N LEU A 116 22.99 20.62 1.05
CA LEU A 116 23.59 20.16 -0.18
C LEU A 116 24.50 21.24 -0.75
N GLY A 117 24.02 22.48 -0.72
CA GLY A 117 24.79 23.60 -1.22
C GLY A 117 26.11 23.78 -0.48
N PHE A 118 26.04 23.65 0.84
CA PHE A 118 27.24 23.77 1.67
C PHE A 118 28.18 22.62 1.35
N ALA A 119 27.62 21.42 1.17
CA ALA A 119 28.42 20.24 0.85
C ALA A 119 29.21 20.50 -0.44
N ILE A 120 28.53 21.02 -1.45
CA ILE A 120 29.12 21.36 -2.74
C ILE A 120 30.26 22.39 -2.59
N LYS A 121 29.98 23.47 -1.87
CA LYS A 121 30.96 24.54 -1.67
C LYS A 121 32.19 24.00 -0.95
N PHE A 122 32.01 23.09 0.00
CA PHE A 122 33.13 22.52 0.73
C PHE A 122 33.92 21.62 -0.20
N LEU A 123 33.19 20.94 -1.08
CA LEU A 123 33.78 20.04 -2.06
C LEU A 123 34.76 20.83 -2.93
N VAL A 124 34.34 22.01 -3.37
CA VAL A 124 35.18 22.82 -4.26
C VAL A 124 36.24 23.64 -3.50
N GLY A 125 36.23 23.56 -2.17
CA GLY A 125 37.20 24.27 -1.35
C GLY A 125 36.91 25.75 -1.17
N LEU A 126 35.65 26.09 -1.41
CA LEU A 126 35.16 27.45 -1.27
C LEU A 126 34.59 27.62 0.13
N VAL A 127 35.44 27.66 1.15
CA VAL A 127 34.89 27.78 2.49
C VAL A 127 35.45 28.95 3.26
N PRO A 128 34.73 29.37 4.32
CA PRO A 128 35.12 30.50 5.17
C PRO A 128 36.26 30.22 6.13
N GLU A 129 37.25 31.09 6.14
CA GLU A 129 38.37 30.94 7.04
C GLU A 129 38.25 32.11 7.99
N PRO A 130 38.64 31.92 9.25
CA PRO A 130 38.55 33.02 10.20
C PRO A 130 39.44 34.19 9.77
N PRO A 131 39.12 35.40 10.22
CA PRO A 131 39.89 36.59 9.90
C PRO A 131 41.27 36.48 10.55
N PRO A 132 42.33 36.37 9.73
CA PRO A 132 43.68 36.24 10.30
C PRO A 132 44.09 37.38 11.20
N ASN A 133 44.55 37.01 12.40
CA ASN A 133 45.03 37.95 13.40
C ASN A 133 43.98 38.96 13.85
N ALA A 134 42.70 38.63 13.70
CA ALA A 134 41.64 39.53 14.17
C ALA A 134 41.30 39.41 15.66
N THR A 135 41.15 38.17 16.14
CA THR A 135 40.91 37.90 17.57
C THR A 135 39.74 38.68 18.15
N ASP A 136 38.81 39.08 17.30
CA ASP A 136 37.63 39.83 17.72
C ASP A 136 36.44 38.91 17.53
N PRO A 137 35.74 38.58 18.62
CA PRO A 137 34.60 37.68 18.41
C PRO A 137 33.58 38.13 17.37
N ASP A 138 33.35 39.43 17.22
CA ASP A 138 32.38 39.87 16.23
C ASP A 138 33.04 39.84 14.86
N SER A 139 34.35 40.09 14.85
CA SER A 139 35.11 40.09 13.59
C SER A 139 35.18 38.63 13.12
N ILE A 140 35.38 37.73 14.09
CA ILE A 140 35.46 36.30 13.86
C ILE A 140 34.13 35.77 13.32
N LEU A 141 33.04 36.28 13.90
CA LEU A 141 31.70 35.86 13.51
C LEU A 141 31.24 36.40 12.15
N ARG A 142 31.58 37.65 11.81
CA ARG A 142 31.11 38.17 10.52
C ARG A 142 31.37 37.30 9.27
N PRO A 143 32.58 36.77 9.06
CA PRO A 143 32.80 35.94 7.85
C PRO A 143 31.92 34.66 7.75
N PHE A 144 31.68 34.07 8.91
CA PHE A 144 30.90 32.84 9.00
C PHE A 144 29.42 33.13 8.87
N LYS A 145 29.04 34.29 9.37
CA LYS A 145 27.67 34.76 9.29
C LYS A 145 27.41 35.05 7.83
N GLU A 146 28.39 35.71 7.21
CA GLU A 146 28.32 36.07 5.80
C GLU A 146 28.24 34.86 4.89
N PHE A 147 28.91 33.78 5.24
CA PHE A 147 28.80 32.64 4.35
C PHE A 147 27.34 32.18 4.24
N LEU A 148 26.67 31.96 5.37
CA LEU A 148 25.28 31.54 5.35
C LEU A 148 24.36 32.60 4.78
N TYR A 149 24.53 33.83 5.26
CA TYR A 149 23.71 34.97 4.84
C TYR A 149 23.85 35.27 3.35
N SER A 150 25.03 35.07 2.79
CA SER A 150 25.24 35.30 1.37
C SER A 150 24.62 34.11 0.63
N TYR A 151 24.60 32.95 1.27
CA TYR A 151 24.02 31.77 0.62
C TYR A 151 22.51 31.92 0.48
N ILE A 152 21.83 32.16 1.59
CA ILE A 152 20.37 32.28 1.55
C ILE A 152 19.92 33.70 1.22
N GLY A 153 20.86 34.63 1.32
CA GLY A 153 20.60 36.03 1.01
C GLY A 153 19.83 36.82 2.06
N VAL A 154 20.22 36.72 3.33
CA VAL A 154 19.54 37.47 4.38
C VAL A 154 19.56 38.96 4.03
N PRO A 155 18.44 39.66 4.28
CA PRO A 155 18.29 41.09 4.02
C PRO A 155 18.81 41.98 5.13
N LYS A 156 19.19 43.21 4.80
CA LYS A 156 19.69 44.14 5.81
C LYS A 156 18.56 45.11 6.20
N GLY A 157 18.29 45.22 7.50
CA GLY A 157 17.25 46.11 7.97
C GLY A 157 15.87 45.50 8.13
N ASP A 158 15.82 44.19 8.30
CA ASP A 158 14.54 43.49 8.47
C ASP A 158 13.63 43.66 7.26
N GLU A 159 14.22 43.70 6.08
CA GLU A 159 13.45 43.85 4.85
C GLU A 159 12.58 42.61 4.65
N PRO A 160 11.31 42.81 4.27
CA PRO A 160 10.40 41.68 4.06
C PRO A 160 10.93 40.68 3.04
N ILE A 161 11.48 41.16 1.92
CA ILE A 161 11.96 40.23 0.90
C ILE A 161 13.36 39.72 1.16
N LEU A 162 13.51 38.41 1.00
CA LEU A 162 14.79 37.72 1.16
C LEU A 162 15.32 37.58 -0.25
N LYS A 163 16.63 37.61 -0.44
CA LYS A 163 17.16 37.49 -1.78
C LYS A 163 18.27 36.43 -1.88
N PRO A 164 17.86 35.16 -1.87
CA PRO A 164 18.76 34.00 -1.96
C PRO A 164 19.61 34.05 -3.21
N SER A 165 20.84 33.57 -3.11
CA SER A 165 21.73 33.55 -4.27
C SER A 165 21.19 32.56 -5.29
N LEU A 166 21.62 32.72 -6.54
CA LEU A 166 21.19 31.85 -7.62
C LEU A 166 21.59 30.43 -7.34
N PHE A 167 22.78 30.25 -6.77
CA PHE A 167 23.28 28.93 -6.46
C PHE A 167 22.29 28.24 -5.51
N ALA A 168 21.85 28.95 -4.46
CA ALA A 168 20.91 28.37 -3.50
C ALA A 168 19.61 27.93 -4.18
N TYR A 169 19.11 28.75 -5.10
CA TYR A 169 17.86 28.45 -5.80
C TYR A 169 18.01 27.22 -6.70
N ILE A 170 19.10 27.17 -7.47
CA ILE A 170 19.35 26.03 -8.34
C ILE A 170 19.51 24.78 -7.50
N VAL A 171 20.19 24.90 -6.36
CA VAL A 171 20.38 23.77 -5.48
C VAL A 171 19.04 23.32 -4.94
N PHE A 172 18.11 24.27 -4.78
CA PHE A 172 16.77 23.92 -4.33
C PHE A 172 16.04 23.13 -5.40
N LEU A 173 16.20 23.58 -6.64
CA LEU A 173 15.59 22.90 -7.78
C LEU A 173 16.09 21.48 -7.83
N ILE A 174 17.41 21.32 -7.74
CA ILE A 174 18.01 20.01 -7.77
C ILE A 174 17.51 19.16 -6.61
N THR A 175 17.39 19.75 -5.42
CA THR A 175 16.91 18.99 -4.28
C THR A 175 15.49 18.48 -4.53
N MET A 176 14.62 19.34 -5.06
CA MET A 176 13.25 18.91 -5.37
C MET A 176 13.24 17.84 -6.43
N PHE A 177 14.07 18.01 -7.45
CA PHE A 177 14.14 17.02 -8.50
C PHE A 177 14.57 15.67 -7.97
N ILE A 178 15.55 15.68 -7.08
CA ILE A 178 16.01 14.44 -6.49
C ILE A 178 14.95 13.80 -5.61
N ASN A 179 14.29 14.61 -4.79
CA ASN A 179 13.25 14.08 -3.94
C ASN A 179 12.09 13.48 -4.72
N VAL A 180 11.64 14.19 -5.76
CA VAL A 180 10.56 13.71 -6.59
C VAL A 180 10.98 12.44 -7.32
N SER A 181 12.20 12.46 -7.85
CA SER A 181 12.78 11.36 -8.61
C SER A 181 12.81 10.09 -7.78
N ILE A 182 13.01 10.27 -6.49
CA ILE A 182 13.05 9.17 -5.55
C ILE A 182 11.63 8.74 -5.23
N LEU A 183 10.75 9.67 -4.90
CA LEU A 183 9.39 9.29 -4.54
C LEU A 183 8.68 8.55 -5.66
N ILE A 184 8.92 8.91 -6.92
CA ILE A 184 8.23 8.22 -8.02
C ILE A 184 8.70 6.75 -8.13
N ARG A 185 10.00 6.56 -8.38
CA ARG A 185 10.62 5.24 -8.47
C ARG A 185 11.01 4.76 -7.08
N GLY A 186 11.03 3.46 -6.85
CA GLY A 186 11.44 2.94 -5.55
C GLY A 186 12.90 3.19 -5.25
N ILE A 187 13.39 2.62 -4.17
CA ILE A 187 14.77 2.82 -3.74
C ILE A 187 15.58 1.52 -3.73
N SER A 188 16.57 1.41 -4.63
CA SER A 188 17.36 0.17 -4.71
C SER A 188 18.87 0.38 -4.65
N LYS A 189 19.36 1.29 -5.48
CA LYS A 189 20.79 1.57 -5.54
C LYS A 189 21.24 2.57 -4.47
N GLY A 190 20.35 3.48 -4.12
CA GLY A 190 20.65 4.49 -3.13
C GLY A 190 19.95 4.33 -1.80
N ILE A 191 19.45 3.15 -1.47
CA ILE A 191 18.78 3.09 -0.19
C ILE A 191 19.56 2.31 0.84
N GLU A 192 19.41 1.00 0.83
CA GLU A 192 20.12 0.17 1.78
C GLU A 192 21.62 0.29 1.58
N ARG A 193 22.05 0.08 0.34
CA ARG A 193 23.45 0.14 -0.04
C ARG A 193 24.14 1.45 0.28
N PHE A 194 23.39 2.54 0.36
CA PHE A 194 24.04 3.81 0.66
C PHE A 194 23.80 4.20 2.12
N ALA A 195 22.58 4.02 2.61
CA ALA A 195 22.24 4.36 4.01
C ALA A 195 23.08 3.55 4.99
N LYS A 196 23.38 2.31 4.62
CA LYS A 196 24.16 1.41 5.45
C LYS A 196 25.60 1.89 5.58
N ILE A 197 26.00 2.78 4.68
CA ILE A 197 27.35 3.34 4.68
C ILE A 197 27.33 4.72 5.34
N ALA A 198 26.38 5.55 4.92
CA ALA A 198 26.25 6.91 5.41
C ALA A 198 25.87 6.99 6.88
N MET A 199 24.95 6.16 7.36
CA MET A 199 24.59 6.28 8.78
C MET A 199 25.78 5.95 9.69
N PRO A 200 26.48 4.84 9.42
CA PRO A 200 27.64 4.53 10.27
C PRO A 200 28.72 5.58 10.13
N THR A 201 28.91 6.06 8.89
CA THR A 201 29.92 7.08 8.63
C THR A 201 29.61 8.37 9.39
N LEU A 202 28.36 8.83 9.28
CA LEU A 202 27.89 10.03 9.95
C LEU A 202 28.06 9.88 11.46
N PHE A 203 27.69 8.73 12.01
CA PHE A 203 27.82 8.50 13.45
C PHE A 203 29.28 8.64 13.87
N ILE A 204 30.16 7.98 13.14
CA ILE A 204 31.58 8.02 13.44
C ILE A 204 32.12 9.44 13.34
N LEU A 205 31.70 10.15 12.31
CA LEU A 205 32.10 11.52 12.09
C LEU A 205 31.62 12.43 13.22
N ALA A 206 30.37 12.25 13.63
CA ALA A 206 29.77 13.05 14.70
C ALA A 206 30.52 12.81 16.01
N VAL A 207 30.84 11.56 16.29
CA VAL A 207 31.57 11.22 17.51
C VAL A 207 32.92 11.92 17.44
N PHE A 208 33.54 11.83 16.27
CA PHE A 208 34.82 12.48 16.07
C PHE A 208 34.70 13.95 16.37
N LEU A 209 33.66 14.59 15.86
CA LEU A 209 33.48 16.01 16.12
C LEU A 209 33.22 16.34 17.58
N VAL A 210 32.42 15.56 18.28
CA VAL A 210 32.21 15.88 19.69
C VAL A 210 33.52 15.82 20.44
N ILE A 211 34.28 14.76 20.18
CA ILE A 211 35.55 14.59 20.84
C ILE A 211 36.52 15.74 20.49
N ARG A 212 36.60 16.07 19.20
CA ARG A 212 37.48 17.15 18.75
C ARG A 212 37.12 18.54 19.27
N VAL A 213 35.84 18.87 19.24
CA VAL A 213 35.38 20.17 19.71
C VAL A 213 35.65 20.35 21.20
N PHE A 214 35.47 19.29 21.97
CA PHE A 214 35.68 19.39 23.41
C PHE A 214 37.11 19.67 23.85
N LEU A 215 38.09 19.55 22.94
CA LEU A 215 39.45 19.86 23.33
C LEU A 215 39.71 21.33 22.98
N LEU A 216 38.74 21.92 22.27
CA LEU A 216 38.81 23.31 21.84
C LEU A 216 38.65 24.33 22.95
N GLU A 217 39.62 25.22 23.02
CA GLU A 217 39.66 26.30 23.97
C GLU A 217 40.32 27.47 23.24
N THR A 218 39.69 28.63 23.24
CA THR A 218 40.28 29.75 22.53
C THR A 218 40.21 31.02 23.38
N PRO A 219 40.78 32.12 22.87
CA PRO A 219 40.75 33.36 23.64
C PRO A 219 39.39 34.01 23.90
N ASN A 220 38.34 33.66 23.15
CA ASN A 220 37.05 34.29 23.38
C ASN A 220 36.16 33.47 24.31
N GLY A 221 36.60 32.24 24.58
CA GLY A 221 35.88 31.34 25.46
C GLY A 221 36.43 29.92 25.41
N THR A 222 35.75 28.99 26.07
CA THR A 222 36.18 27.61 26.10
C THR A 222 35.04 26.67 25.75
N ALA A 223 35.33 25.62 24.99
CA ALA A 223 34.29 24.68 24.63
C ALA A 223 33.71 24.03 25.88
N ALA A 224 34.53 23.88 26.91
CA ALA A 224 34.07 23.28 28.16
C ALA A 224 32.94 24.13 28.75
N ASP A 225 33.10 25.44 28.59
CA ASP A 225 32.15 26.41 29.06
C ASP A 225 30.81 26.22 28.39
N GLY A 226 30.83 25.70 27.16
CA GLY A 226 29.60 25.46 26.43
C GLY A 226 28.83 24.31 27.04
N LEU A 227 29.54 23.23 27.36
CA LEU A 227 28.88 22.08 27.97
C LEU A 227 28.33 22.51 29.32
N ASN A 228 29.11 23.31 30.05
CA ASN A 228 28.66 23.77 31.35
C ASN A 228 27.44 24.66 31.23
N PHE A 229 27.43 25.49 30.20
CA PHE A 229 26.34 26.42 29.90
C PHE A 229 25.05 25.68 29.58
N LEU A 230 25.19 24.61 28.81
CA LEU A 230 24.05 23.81 28.38
C LEU A 230 23.49 22.91 29.47
N TRP A 231 24.34 22.44 30.36
CA TRP A 231 23.80 21.55 31.36
C TRP A 231 23.68 22.23 32.72
N THR A 232 23.74 23.56 32.77
CA THR A 232 23.56 24.21 34.05
C THR A 232 22.16 24.86 34.05
N PRO A 233 21.24 24.35 34.88
CA PRO A 233 19.88 24.85 34.95
C PRO A 233 19.76 26.36 35.24
N ASP A 234 18.99 27.13 34.47
CA ASP A 234 18.84 28.55 34.78
C ASP A 234 17.57 28.53 35.58
N PHE A 235 17.67 28.80 36.87
CA PHE A 235 16.49 28.75 37.71
C PHE A 235 15.40 29.73 37.29
N GLU A 236 15.81 30.83 36.67
CA GLU A 236 14.90 31.90 36.21
C GLU A 236 13.98 31.64 35.01
N LYS A 237 14.47 30.94 33.99
CA LYS A 237 13.64 30.67 32.81
C LYS A 237 12.62 29.53 32.93
N LEU A 238 12.68 28.75 34.01
CA LEU A 238 11.71 27.65 34.18
C LEU A 238 10.27 28.15 34.19
N LYS A 239 10.04 29.33 34.75
CA LYS A 239 8.70 29.91 34.84
C LYS A 239 8.20 30.41 33.48
N ASP A 240 9.01 30.19 32.44
CA ASP A 240 8.66 30.63 31.10
C ASP A 240 7.99 29.52 30.28
N PRO A 241 6.71 29.73 29.92
CA PRO A 241 5.89 28.79 29.15
C PRO A 241 6.54 28.47 27.80
N GLY A 242 7.14 29.48 27.18
CA GLY A 242 7.79 29.34 25.88
C GLY A 242 8.83 28.24 25.91
N VAL A 243 9.59 28.19 26.99
CA VAL A 243 10.60 27.16 27.12
C VAL A 243 9.98 25.79 27.26
N TRP A 244 8.89 25.69 28.01
CA TRP A 244 8.25 24.40 28.18
C TRP A 244 7.66 23.86 26.85
N ILE A 245 7.02 24.77 26.12
CA ILE A 245 6.40 24.47 24.84
C ILE A 245 7.43 24.12 23.78
N ALA A 246 8.54 24.85 23.81
CA ALA A 246 9.65 24.66 22.89
C ALA A 246 10.29 23.31 23.15
N ALA A 247 10.50 23.01 24.42
CA ALA A 247 11.11 21.75 24.84
C ALA A 247 10.26 20.55 24.42
N VAL A 248 8.97 20.60 24.74
CA VAL A 248 8.10 19.48 24.37
C VAL A 248 8.05 19.36 22.85
N GLY A 249 7.95 20.51 22.18
CA GLY A 249 7.89 20.53 20.73
C GLY A 249 9.13 19.88 20.14
N GLN A 250 10.28 20.16 20.72
CA GLN A 250 11.53 19.58 20.24
C GLN A 250 11.55 18.09 20.47
N ILE A 251 11.06 17.65 21.62
CA ILE A 251 11.04 16.22 21.88
C ILE A 251 10.21 15.53 20.80
N PHE A 252 9.07 16.13 20.48
CA PHE A 252 8.18 15.63 19.47
C PHE A 252 8.89 15.57 18.12
N PHE A 253 9.48 16.69 17.72
CA PHE A 253 10.17 16.80 16.44
C PHE A 253 11.30 15.80 16.30
N THR A 254 12.16 15.76 17.31
CA THR A 254 13.34 14.91 17.30
C THR A 254 13.00 13.42 17.36
N LEU A 255 11.88 13.08 18.00
CA LEU A 255 11.48 11.69 18.08
C LEU A 255 10.54 11.31 16.94
N SER A 256 10.27 12.27 16.06
CA SER A 256 9.39 12.04 14.91
C SER A 256 8.00 11.75 15.46
N LEU A 257 7.90 11.71 16.78
CA LEU A 257 6.68 11.43 17.51
C LEU A 257 5.42 12.12 16.98
N GLY A 258 5.37 13.45 17.08
CA GLY A 258 4.21 14.20 16.62
C GLY A 258 3.73 14.05 15.18
N PHE A 259 4.54 13.45 14.31
CA PHE A 259 4.19 13.28 12.91
C PHE A 259 3.41 11.99 12.65
N GLY A 260 2.49 12.05 11.69
CA GLY A 260 1.65 10.91 11.31
C GLY A 260 2.45 9.85 10.56
N ALA A 261 3.73 10.16 10.36
CA ALA A 261 4.65 9.31 9.62
C ALA A 261 5.03 8.08 10.43
N ILE A 262 5.26 8.26 11.72
CA ILE A 262 5.61 7.13 12.56
C ILE A 262 4.40 6.19 12.58
N ILE A 263 3.19 6.75 12.66
CA ILE A 263 1.99 5.94 12.66
C ILE A 263 1.86 5.09 11.38
N THR A 264 1.98 5.76 10.23
CA THR A 264 1.86 5.04 8.95
C THR A 264 2.94 3.97 8.79
N TYR A 265 4.17 4.32 9.13
CA TYR A 265 5.28 3.39 9.04
C TYR A 265 5.00 2.20 9.96
N ALA A 266 4.45 2.49 11.13
CA ALA A 266 4.13 1.49 12.14
C ALA A 266 3.00 0.56 11.69
N SER A 267 2.21 0.98 10.70
CA SER A 267 1.11 0.13 10.22
C SER A 267 1.64 -1.09 9.47
N ALA A 268 2.96 -1.18 9.27
CA ALA A 268 3.56 -2.33 8.61
C ALA A 268 4.06 -3.45 9.55
N VAL A 269 4.08 -3.20 10.86
CA VAL A 269 4.53 -4.22 11.81
C VAL A 269 3.32 -4.97 12.35
N ARG A 270 3.44 -6.29 12.37
CA ARG A 270 2.39 -7.20 12.84
C ARG A 270 1.92 -7.02 14.29
N LYS A 271 0.61 -7.21 14.47
CA LYS A 271 -0.08 -7.09 15.74
C LYS A 271 0.60 -7.82 16.92
N ASP A 272 1.22 -8.96 16.63
CA ASP A 272 1.88 -9.76 17.67
C ASP A 272 3.33 -9.32 17.92
N GLN A 273 3.90 -8.55 17.00
CA GLN A 273 5.30 -8.12 17.14
C GLN A 273 5.46 -7.17 18.33
N ASP A 274 6.55 -7.32 19.08
CA ASP A 274 6.77 -6.43 20.22
C ASP A 274 6.87 -4.98 19.80
N ILE A 275 6.30 -4.09 20.61
CA ILE A 275 6.43 -2.67 20.32
C ILE A 275 6.96 -1.93 21.54
N VAL A 276 6.95 -2.61 22.67
CA VAL A 276 7.43 -1.98 23.89
C VAL A 276 8.93 -1.78 23.92
N LEU A 277 9.68 -2.86 23.75
CA LEU A 277 11.13 -2.78 23.77
C LEU A 277 11.63 -2.08 22.52
N SER A 278 11.04 -2.41 21.38
CA SER A 278 11.44 -1.79 20.14
C SER A 278 11.21 -0.29 20.16
N GLY A 279 10.03 0.13 20.59
CA GLY A 279 9.71 1.55 20.66
C GLY A 279 10.56 2.33 21.64
N LEU A 280 10.74 1.75 22.83
CA LEU A 280 11.55 2.38 23.86
C LEU A 280 13.00 2.49 23.39
N THR A 281 13.45 1.46 22.67
CA THR A 281 14.80 1.41 22.17
C THR A 281 14.99 2.50 21.13
N ALA A 282 14.04 2.64 20.21
CA ALA A 282 14.18 3.68 19.22
C ALA A 282 14.22 5.06 19.87
N ALA A 283 13.33 5.29 20.84
CA ALA A 283 13.31 6.59 21.51
C ALA A 283 14.56 6.92 22.33
N THR A 284 15.05 5.93 23.06
CA THR A 284 16.24 6.09 23.89
C THR A 284 17.47 6.28 23.03
N LEU A 285 17.54 5.51 21.95
CA LEU A 285 18.65 5.60 21.03
C LEU A 285 18.65 7.01 20.44
N ASN A 286 17.46 7.52 20.15
CA ASN A 286 17.35 8.86 19.57
C ASN A 286 17.86 9.92 20.57
N GLU A 287 17.47 9.79 21.83
CA GLU A 287 17.91 10.76 22.83
C GLU A 287 19.42 10.74 22.99
N ALA A 288 19.95 9.56 23.28
CA ALA A 288 21.39 9.43 23.42
C ALA A 288 22.05 9.98 22.16
N ALA A 289 21.32 9.89 21.05
CA ALA A 289 21.85 10.30 19.76
C ALA A 289 21.98 11.81 19.63
N GLU A 290 21.09 12.58 20.27
CA GLU A 290 21.21 14.02 20.14
C GLU A 290 21.83 14.72 21.36
N VAL A 291 21.20 14.64 22.52
CA VAL A 291 21.73 15.34 23.69
C VAL A 291 23.22 15.11 23.86
N ILE A 292 23.70 13.93 23.53
CA ILE A 292 25.13 13.66 23.67
C ILE A 292 25.95 14.12 22.47
N LEU A 293 25.52 13.79 21.25
CA LEU A 293 26.29 14.20 20.08
C LEU A 293 25.92 15.55 19.47
N GLY A 294 24.67 15.72 19.06
CA GLY A 294 24.26 16.98 18.46
C GLY A 294 24.35 18.19 19.38
N GLY A 295 23.93 17.99 20.62
CA GLY A 295 23.94 19.02 21.63
C GLY A 295 25.32 19.39 22.13
N SER A 296 26.27 18.48 21.96
CA SER A 296 27.64 18.65 22.44
C SER A 296 28.63 19.18 21.38
N ILE A 297 28.14 19.41 20.17
CA ILE A 297 28.97 19.93 19.08
C ILE A 297 28.83 21.44 18.85
N SER A 298 27.68 21.78 18.27
CA SER A 298 27.34 23.15 17.89
C SER A 298 27.34 24.15 19.04
N ILE A 299 26.64 23.86 20.13
CA ILE A 299 26.60 24.82 21.24
C ILE A 299 28.00 25.11 21.84
N PRO A 300 28.74 24.04 22.21
CA PRO A 300 30.08 24.24 22.78
C PRO A 300 31.01 24.96 21.80
N ALA A 301 30.88 24.63 20.53
CA ALA A 301 31.71 25.26 19.51
C ALA A 301 31.42 26.75 19.38
N ALA A 302 30.14 27.10 19.32
CA ALA A 302 29.76 28.50 19.19
C ALA A 302 30.19 29.28 20.42
N VAL A 303 29.97 28.74 21.62
CA VAL A 303 30.37 29.49 22.80
C VAL A 303 31.89 29.64 22.89
N ALA A 304 32.62 28.57 22.57
CA ALA A 304 34.08 28.62 22.60
C ALA A 304 34.63 29.64 21.62
N PHE A 305 34.05 29.65 20.44
CA PHE A 305 34.45 30.52 19.34
C PHE A 305 33.87 31.94 19.38
N PHE A 306 32.55 32.02 19.25
CA PHE A 306 31.85 33.29 19.20
C PHE A 306 31.50 33.91 20.55
N GLY A 307 31.57 33.12 21.61
CA GLY A 307 31.20 33.62 22.92
C GLY A 307 29.73 33.33 23.15
N VAL A 308 29.27 33.43 24.40
CA VAL A 308 27.88 33.16 24.74
C VAL A 308 26.86 34.07 24.06
N ALA A 309 27.07 35.37 24.20
CA ALA A 309 26.17 36.37 23.63
C ALA A 309 25.90 36.16 22.15
N ASN A 310 26.96 35.92 21.39
CA ASN A 310 26.81 35.72 19.96
C ASN A 310 26.15 34.40 19.63
N ALA A 311 26.43 33.35 20.40
CA ALA A 311 25.79 32.09 20.10
C ALA A 311 24.28 32.20 20.30
N VAL A 312 23.87 32.81 21.41
CA VAL A 312 22.45 32.97 21.65
C VAL A 312 21.80 33.87 20.61
N ALA A 313 22.48 34.96 20.27
CA ALA A 313 21.94 35.88 19.27
C ALA A 313 21.79 35.21 17.90
N ILE A 314 22.73 34.33 17.58
CA ILE A 314 22.71 33.61 16.31
C ILE A 314 21.54 32.64 16.28
N ALA A 315 21.35 31.94 17.40
CA ALA A 315 20.26 30.98 17.49
C ALA A 315 18.93 31.68 17.39
N LYS A 316 18.84 32.84 18.03
CA LYS A 316 17.61 33.61 18.02
C LYS A 316 17.39 34.24 16.64
N ALA A 317 18.44 34.30 15.83
CA ALA A 317 18.32 34.91 14.50
C ALA A 317 17.28 34.18 13.68
N GLY A 318 17.32 32.86 13.71
CA GLY A 318 16.37 32.06 12.97
C GLY A 318 16.53 30.59 13.29
N ALA A 319 15.67 29.77 12.72
CA ALA A 319 15.74 28.33 12.95
C ALA A 319 16.74 27.72 11.98
N PHE A 320 17.50 26.74 12.48
CA PHE A 320 18.55 26.06 11.71
C PHE A 320 19.83 26.84 11.35
N ASN A 321 19.85 28.15 11.57
CA ASN A 321 21.01 28.99 11.24
C ASN A 321 22.33 28.60 11.93
N LEU A 322 22.22 28.40 13.24
CA LEU A 322 23.32 28.08 14.14
C LEU A 322 24.41 27.10 13.65
N GLY A 323 24.03 25.96 13.07
CA GLY A 323 25.02 24.98 12.64
C GLY A 323 25.71 25.33 11.34
N PHE A 324 24.98 26.02 10.48
CA PHE A 324 25.41 26.45 9.16
C PHE A 324 26.56 27.48 9.24
N ILE A 325 26.77 27.97 10.46
CA ILE A 325 27.76 29.00 10.83
C ILE A 325 28.77 28.33 11.76
N THR A 326 28.28 27.78 12.86
CA THR A 326 29.15 27.16 13.86
C THR A 326 29.96 26.02 13.25
N LEU A 327 29.30 25.09 12.55
CA LEU A 327 30.00 23.94 11.96
C LEU A 327 31.10 24.35 10.96
N PRO A 328 30.80 25.26 10.01
CA PRO A 328 31.85 25.64 9.07
C PRO A 328 33.01 26.35 9.78
N ALA A 329 32.68 27.06 10.86
CA ALA A 329 33.69 27.76 11.64
C ALA A 329 34.62 26.72 12.24
N ILE A 330 34.01 25.67 12.77
CA ILE A 330 34.71 24.55 13.39
C ILE A 330 35.64 23.81 12.43
N PHE A 331 35.12 23.50 11.25
CA PHE A 331 35.90 22.76 10.27
C PHE A 331 37.19 23.50 9.98
N SER A 332 37.11 24.83 9.95
CA SER A 332 38.29 25.64 9.69
C SER A 332 39.27 25.40 10.83
N GLN A 333 40.57 25.48 10.60
CA GLN A 333 41.47 25.26 11.73
C GLN A 333 41.52 23.79 12.18
N THR A 334 40.91 22.90 11.41
CA THR A 334 40.90 21.48 11.75
C THR A 334 41.53 20.74 10.58
N ALA A 335 42.07 19.56 10.87
CA ALA A 335 42.72 18.74 9.86
C ALA A 335 41.76 18.29 8.76
N GLY A 336 42.17 18.53 7.52
CA GLY A 336 41.36 18.17 6.37
C GLY A 336 39.96 18.67 6.59
N GLY A 337 39.87 19.86 7.19
CA GLY A 337 38.58 20.43 7.50
C GLY A 337 37.72 20.68 6.29
N THR A 338 38.31 20.95 5.13
CA THR A 338 37.47 21.16 3.96
C THR A 338 36.87 19.84 3.50
N PHE A 339 37.67 18.78 3.53
CA PHE A 339 37.16 17.48 3.16
C PHE A 339 36.23 16.90 4.19
N LEU A 340 36.56 17.16 5.46
CA LEU A 340 35.73 16.67 6.53
C LEU A 340 34.39 17.37 6.45
N GLY A 341 34.43 18.63 6.07
CA GLY A 341 33.22 19.41 5.91
C GLY A 341 32.35 18.95 4.77
N PHE A 342 33.00 18.65 3.65
CA PHE A 342 32.24 18.16 2.51
C PHE A 342 31.51 16.89 2.90
N LEU A 343 32.25 15.96 3.50
CA LEU A 343 31.66 14.70 3.94
C LEU A 343 30.54 14.84 4.94
N TRP A 344 30.73 15.78 5.87
CA TRP A 344 29.73 16.03 6.89
C TRP A 344 28.44 16.54 6.29
N PHE A 345 28.54 17.56 5.44
CA PHE A 345 27.35 18.09 4.81
C PHE A 345 26.69 17.21 3.77
N PHE A 346 27.46 16.38 3.07
CA PHE A 346 26.84 15.48 2.10
C PHE A 346 26.05 14.42 2.85
N LEU A 347 26.67 13.93 3.92
CA LEU A 347 26.06 12.93 4.81
C LEU A 347 24.77 13.50 5.35
N LEU A 348 24.88 14.74 5.84
CA LEU A 348 23.78 15.46 6.42
C LEU A 348 22.68 15.60 5.38
N PHE A 349 23.08 15.81 4.13
CA PHE A 349 22.14 15.96 3.04
C PHE A 349 21.32 14.68 2.85
N PHE A 350 22.00 13.54 2.84
CA PHE A 350 21.31 12.27 2.69
C PHE A 350 20.40 11.99 3.88
N ALA A 351 20.85 12.39 5.05
CA ALA A 351 20.12 12.25 6.31
C ALA A 351 18.83 13.06 6.20
N GLY A 352 18.93 14.26 5.66
CA GLY A 352 17.77 15.10 5.50
C GLY A 352 16.81 14.46 4.51
N LEU A 353 17.34 13.96 3.39
CA LEU A 353 16.50 13.36 2.35
C LEU A 353 15.64 12.22 2.87
N VAL A 354 16.31 11.28 3.52
CA VAL A 354 15.64 10.14 4.16
C VAL A 354 14.44 10.62 4.95
N ALA A 355 14.58 11.75 5.63
CA ALA A 355 13.53 12.28 6.49
C ALA A 355 12.43 13.00 5.71
N SER A 356 12.80 13.67 4.62
CA SER A 356 11.80 14.46 3.90
C SER A 356 10.84 13.56 3.13
N ILE A 357 11.35 12.46 2.57
CA ILE A 357 10.43 11.56 1.85
C ILE A 357 9.46 10.97 2.86
N ALA A 358 9.97 10.82 4.09
CA ALA A 358 9.20 10.30 5.20
C ALA A 358 8.12 11.26 5.67
N ILE A 359 8.37 12.56 5.60
CA ILE A 359 7.36 13.53 6.01
C ILE A 359 6.41 13.87 4.86
N MET A 360 6.71 13.33 3.69
CA MET A 360 5.83 13.49 2.52
C MET A 360 4.93 12.25 2.42
N GLN A 361 5.38 11.16 3.05
CA GLN A 361 4.60 9.94 3.01
C GLN A 361 3.19 10.04 3.62
N PRO A 362 2.99 10.87 4.65
CA PRO A 362 1.61 10.92 5.11
C PRO A 362 0.66 11.47 4.06
N MET A 363 1.04 12.55 3.38
CA MET A 363 0.20 13.13 2.35
C MET A 363 0.03 12.22 1.14
N ILE A 364 1.11 11.56 0.73
CA ILE A 364 1.00 10.68 -0.43
C ILE A 364 0.03 9.55 -0.10
N ALA A 365 0.21 8.95 1.07
CA ALA A 365 -0.63 7.86 1.53
C ALA A 365 -2.08 8.32 1.69
N PHE A 366 -2.30 9.54 2.16
CA PHE A 366 -3.66 10.02 2.32
C PHE A 366 -4.31 10.12 0.94
N LEU A 367 -3.60 10.70 -0.03
CA LEU A 367 -4.19 10.83 -1.37
C LEU A 367 -4.46 9.46 -1.99
N GLU A 368 -3.58 8.48 -1.78
CA GLU A 368 -3.83 7.14 -2.33
C GLU A 368 -4.95 6.37 -1.63
N ASP A 369 -4.92 6.26 -0.30
CA ASP A 369 -5.95 5.45 0.35
C ASP A 369 -7.31 6.11 0.22
N GLU A 370 -7.43 7.41 0.51
CA GLU A 370 -8.74 8.03 0.41
C GLU A 370 -8.77 8.74 -0.94
N LEU A 371 -9.92 9.25 -1.36
CA LEU A 371 -9.99 9.97 -2.63
C LEU A 371 -9.45 9.16 -3.81
N LYS A 372 -8.99 7.95 -3.51
CA LYS A 372 -8.49 7.01 -4.52
C LYS A 372 -7.66 7.65 -5.65
N LEU A 373 -6.44 8.09 -5.32
CA LEU A 373 -5.57 8.68 -6.34
C LEU A 373 -4.42 7.71 -6.59
N SER A 374 -3.85 7.77 -7.79
CA SER A 374 -2.71 6.94 -8.14
C SER A 374 -1.48 7.37 -7.38
N ARG A 375 -0.35 6.71 -7.63
CA ARG A 375 0.88 7.09 -6.96
C ARG A 375 1.44 8.32 -7.63
N LYS A 376 1.40 8.32 -8.96
CA LYS A 376 1.90 9.45 -9.74
C LYS A 376 1.18 10.71 -9.30
N HIS A 377 -0.15 10.67 -9.26
CA HIS A 377 -0.89 11.84 -8.87
C HIS A 377 -0.68 12.24 -7.42
N ALA A 378 -0.60 11.28 -6.50
CA ALA A 378 -0.39 11.66 -5.11
C ALA A 378 0.97 12.33 -4.94
N VAL A 379 1.99 11.73 -5.55
CA VAL A 379 3.34 12.26 -5.47
C VAL A 379 3.47 13.59 -6.18
N LEU A 380 2.95 13.68 -7.38
CA LEU A 380 3.05 14.93 -8.13
C LEU A 380 2.30 16.05 -7.47
N TRP A 381 1.09 15.79 -6.98
CA TRP A 381 0.36 16.87 -6.32
C TRP A 381 1.02 17.28 -5.01
N THR A 382 1.55 16.30 -4.28
CA THR A 382 2.22 16.63 -3.03
C THR A 382 3.49 17.44 -3.31
N ALA A 383 4.25 17.03 -4.32
CA ALA A 383 5.48 17.71 -4.70
C ALA A 383 5.13 19.11 -5.17
N ALA A 384 4.03 19.26 -5.89
CA ALA A 384 3.60 20.55 -6.38
C ALA A 384 3.33 21.45 -5.18
N ILE A 385 2.64 20.91 -4.18
CA ILE A 385 2.35 21.73 -3.00
C ILE A 385 3.60 22.14 -2.22
N VAL A 386 4.54 21.22 -2.02
CA VAL A 386 5.74 21.62 -1.28
C VAL A 386 6.56 22.59 -2.12
N PHE A 387 6.78 22.28 -3.41
CA PHE A 387 7.57 23.17 -4.24
C PHE A 387 7.00 24.58 -4.34
N PHE A 388 5.71 24.70 -4.66
CA PHE A 388 5.12 26.02 -4.75
C PHE A 388 5.18 26.73 -3.39
N SER A 389 4.65 26.08 -2.36
CA SER A 389 4.65 26.70 -1.03
C SER A 389 6.04 27.11 -0.50
N ALA A 390 7.06 26.33 -0.81
CA ALA A 390 8.40 26.62 -0.31
C ALA A 390 8.94 27.97 -0.75
N HIS A 391 8.40 28.51 -1.84
CA HIS A 391 8.86 29.82 -2.28
C HIS A 391 8.56 30.86 -1.22
N LEU A 392 7.54 30.59 -0.42
CA LEU A 392 7.18 31.50 0.67
C LEU A 392 8.27 31.47 1.72
N VAL A 393 8.76 30.26 2.03
CA VAL A 393 9.80 30.16 3.03
C VAL A 393 11.18 30.66 2.56
N MET A 394 11.48 30.50 1.27
CA MET A 394 12.77 30.97 0.74
C MET A 394 12.83 32.49 0.49
N PHE A 395 11.68 33.09 0.21
CA PHE A 395 11.62 34.52 -0.14
C PHE A 395 11.00 35.49 0.85
N LEU A 396 10.23 34.97 1.79
CA LEU A 396 9.58 35.83 2.78
C LEU A 396 10.26 35.77 4.14
N ASN A 397 10.79 36.92 4.56
CA ASN A 397 11.50 37.01 5.83
C ASN A 397 10.67 36.57 7.03
N LYS A 398 11.29 35.69 7.82
CA LYS A 398 10.73 35.12 9.03
C LYS A 398 9.62 34.11 8.79
N SER A 399 9.34 33.79 7.52
CA SER A 399 8.31 32.80 7.25
C SER A 399 8.70 31.37 7.64
N LEU A 400 9.94 30.99 7.34
CA LEU A 400 10.42 29.66 7.68
C LEU A 400 10.29 29.40 9.16
N ASP A 401 10.71 30.39 9.93
CA ASP A 401 10.68 30.35 11.37
C ASP A 401 9.27 30.23 11.90
N GLU A 402 8.34 30.95 11.26
CA GLU A 402 6.96 30.93 11.69
C GLU A 402 6.37 29.53 11.47
N MET A 403 6.66 28.92 10.32
CA MET A 403 6.17 27.58 10.04
C MET A 403 6.81 26.57 10.99
N ASP A 404 8.11 26.70 11.22
CA ASP A 404 8.83 25.78 12.10
C ASP A 404 8.24 25.87 13.49
N PHE A 405 7.75 27.05 13.84
CA PHE A 405 7.12 27.28 15.14
C PHE A 405 5.75 26.61 15.26
N TRP A 406 4.84 26.98 14.35
CA TRP A 406 3.47 26.46 14.37
C TRP A 406 3.37 24.95 14.11
N ALA A 407 4.14 24.44 13.18
CA ALA A 407 4.07 23.03 12.86
C ALA A 407 5.04 22.21 13.72
N GLY A 408 6.33 22.55 13.70
CA GLY A 408 7.30 21.77 14.44
C GLY A 408 7.39 21.97 15.94
N THR A 409 6.70 22.97 16.48
CA THR A 409 6.73 23.23 17.93
C THR A 409 5.33 23.15 18.55
N ILE A 410 4.49 24.12 18.23
CA ILE A 410 3.13 24.17 18.75
C ILE A 410 2.19 23.07 18.24
N GLY A 411 2.16 22.91 16.92
CA GLY A 411 1.29 21.92 16.31
C GLY A 411 1.38 20.51 16.88
N VAL A 412 2.62 20.04 16.98
CA VAL A 412 2.87 18.69 17.46
C VAL A 412 2.46 18.40 18.90
N VAL A 413 2.58 19.37 19.79
CA VAL A 413 2.18 19.10 21.17
C VAL A 413 0.65 19.00 21.31
N PHE A 414 -0.07 19.91 20.65
CA PHE A 414 -1.52 19.90 20.68
C PHE A 414 -2.03 18.59 20.06
N PHE A 415 -1.40 18.22 18.94
CA PHE A 415 -1.78 17.01 18.21
C PHE A 415 -1.44 15.76 19.01
N GLY A 416 -0.34 15.82 19.75
CA GLY A 416 0.10 14.72 20.59
C GLY A 416 -0.96 14.49 21.66
N LEU A 417 -1.46 15.59 22.21
CA LEU A 417 -2.49 15.53 23.24
C LEU A 417 -3.75 14.93 22.62
N THR A 418 -4.02 15.28 21.37
CA THR A 418 -5.19 14.76 20.69
C THR A 418 -5.05 13.24 20.57
N GLU A 419 -3.89 12.77 20.15
CA GLU A 419 -3.71 11.33 20.01
C GLU A 419 -3.81 10.60 21.35
N LEU A 420 -3.33 11.23 22.42
CA LEU A 420 -3.42 10.59 23.73
C LEU A 420 -4.88 10.48 24.20
N ILE A 421 -5.65 11.54 24.05
CA ILE A 421 -7.06 11.52 24.45
C ILE A 421 -7.88 10.53 23.61
N ILE A 422 -7.68 10.58 22.29
CA ILE A 422 -8.41 9.73 21.34
C ILE A 422 -8.11 8.25 21.51
N PHE A 423 -6.85 7.94 21.75
CA PHE A 423 -6.40 6.57 21.89
C PHE A 423 -6.69 6.01 23.26
N PHE A 424 -6.40 6.78 24.29
CA PHE A 424 -6.55 6.31 25.65
C PHE A 424 -7.94 6.57 26.23
N TRP A 425 -8.35 7.83 26.34
CA TRP A 425 -9.68 8.15 26.89
C TRP A 425 -10.88 7.63 26.10
N ILE A 426 -10.95 7.98 24.83
CA ILE A 426 -12.08 7.57 24.01
C ILE A 426 -12.07 6.10 23.60
N PHE A 427 -11.00 5.63 22.98
CA PHE A 427 -10.94 4.24 22.58
C PHE A 427 -11.03 3.24 23.73
N GLY A 428 -10.33 3.52 24.82
CA GLY A 428 -10.37 2.65 25.97
C GLY A 428 -9.14 2.73 26.84
N ALA A 429 -9.29 3.06 28.11
CA ALA A 429 -8.12 3.14 28.98
C ALA A 429 -7.36 1.80 28.91
N ASP A 430 -8.11 0.79 29.34
CA ASP A 430 -7.68 -0.60 29.41
C ASP A 430 -7.52 -1.24 28.05
N LYS A 431 -8.36 -0.86 27.09
CA LYS A 431 -8.26 -1.40 25.74
C LYS A 431 -6.95 -0.89 25.15
N ALA A 432 -6.64 0.37 25.39
CA ALA A 432 -5.42 0.96 24.89
C ALA A 432 -4.23 0.23 25.52
N TRP A 433 -4.30 0.04 26.83
CA TRP A 433 -3.21 -0.65 27.51
C TRP A 433 -2.98 -2.04 26.94
N GLU A 434 -4.08 -2.74 26.70
CA GLU A 434 -4.03 -4.07 26.13
C GLU A 434 -3.39 -4.03 24.76
N GLU A 435 -3.75 -3.04 23.95
CA GLU A 435 -3.18 -2.94 22.61
C GLU A 435 -1.68 -2.72 22.68
N ILE A 436 -1.22 -1.85 23.58
CA ILE A 436 0.21 -1.61 23.72
C ILE A 436 0.96 -2.87 24.16
N ASN A 437 0.41 -3.51 25.19
CA ASN A 437 0.98 -4.71 25.82
C ASN A 437 1.17 -5.97 24.94
N ARG A 438 0.27 -6.21 24.00
CA ARG A 438 0.36 -7.39 23.14
C ARG A 438 1.68 -7.50 22.39
N GLY A 439 2.32 -8.66 22.53
CA GLY A 439 3.58 -8.97 21.88
C GLY A 439 4.83 -8.35 22.48
N GLY A 440 4.69 -7.60 23.56
CA GLY A 440 5.81 -6.95 24.19
C GLY A 440 6.82 -7.94 24.76
N ILE A 441 8.11 -7.64 24.58
CA ILE A 441 9.18 -8.50 25.09
C ILE A 441 9.22 -8.36 26.61
N ILE A 442 8.83 -7.19 27.09
CA ILE A 442 8.74 -6.94 28.52
C ILE A 442 7.42 -6.23 28.71
N LYS A 443 6.91 -6.21 29.94
CA LYS A 443 5.65 -5.53 30.21
C LYS A 443 5.87 -4.04 30.44
N VAL A 444 4.85 -3.23 30.15
CA VAL A 444 4.93 -1.81 30.38
C VAL A 444 4.89 -1.56 31.89
N PRO A 445 5.80 -0.72 32.41
CA PRO A 445 5.81 -0.44 33.86
C PRO A 445 4.44 -0.01 34.38
N ARG A 446 4.00 -0.57 35.51
CA ARG A 446 2.69 -0.23 36.05
C ARG A 446 2.39 1.28 36.16
N ILE A 447 3.40 2.05 36.55
CA ILE A 447 3.22 3.49 36.71
C ILE A 447 2.79 4.27 35.47
N TYR A 448 3.21 3.82 34.30
CA TYR A 448 2.85 4.53 33.08
C TYR A 448 1.37 4.48 32.71
N TYR A 449 0.63 3.53 33.26
CA TYR A 449 -0.80 3.48 32.99
C TYR A 449 -1.35 4.76 33.59
N TYR A 450 -0.87 5.05 34.80
CA TYR A 450 -1.30 6.21 35.54
C TYR A 450 -0.74 7.52 34.96
N VAL A 451 0.47 7.46 34.42
CA VAL A 451 1.06 8.66 33.82
C VAL A 451 0.30 9.06 32.57
N MET A 452 0.10 8.07 31.70
CA MET A 452 -0.61 8.24 30.43
C MET A 452 -2.07 8.65 30.64
N ARG A 453 -2.74 8.00 31.57
CA ARG A 453 -4.15 8.31 31.80
C ARG A 453 -4.37 9.63 32.53
N TYR A 454 -3.48 9.95 33.46
CA TYR A 454 -3.68 11.16 34.25
C TYR A 454 -2.61 12.25 34.11
N ILE A 455 -1.36 11.90 34.35
CA ILE A 455 -0.29 12.89 34.30
C ILE A 455 0.00 13.56 32.96
N THR A 456 0.37 12.78 31.96
CA THR A 456 0.69 13.34 30.65
C THR A 456 -0.38 14.26 30.05
N PRO A 457 -1.64 13.80 29.98
CA PRO A 457 -2.69 14.66 29.41
C PRO A 457 -2.97 15.95 30.20
N ALA A 458 -3.02 15.86 31.52
CA ALA A 458 -3.27 17.03 32.36
C ALA A 458 -2.12 18.00 32.18
N PHE A 459 -0.92 17.44 32.17
CA PHE A 459 0.32 18.19 32.01
C PHE A 459 0.30 18.97 30.71
N LEU A 460 0.04 18.30 29.60
CA LEU A 460 0.02 18.95 28.30
C LEU A 460 -1.11 19.97 28.15
N ALA A 461 -2.29 19.65 28.65
CA ALA A 461 -3.42 20.57 28.56
C ALA A 461 -3.08 21.86 29.30
N VAL A 462 -2.57 21.69 30.51
CA VAL A 462 -2.19 22.82 31.33
C VAL A 462 -1.09 23.61 30.63
N LEU A 463 -0.10 22.91 30.08
CA LEU A 463 0.99 23.58 29.39
C LEU A 463 0.48 24.47 28.28
N LEU A 464 -0.42 23.94 27.45
CA LEU A 464 -0.94 24.75 26.36
C LEU A 464 -1.74 25.93 26.89
N VAL A 465 -2.53 25.71 27.94
CA VAL A 465 -3.33 26.82 28.47
C VAL A 465 -2.48 27.94 29.06
N VAL A 466 -1.49 27.57 29.87
CA VAL A 466 -0.60 28.54 30.49
C VAL A 466 0.22 29.22 29.41
N TRP A 467 0.50 28.47 28.35
CA TRP A 467 1.27 29.01 27.24
C TRP A 467 0.46 30.10 26.57
N ALA A 468 -0.80 29.79 26.30
CA ALA A 468 -1.68 30.74 25.65
C ALA A 468 -2.01 31.85 26.65
N ARG A 469 -2.28 33.04 26.13
CA ARG A 469 -2.59 34.21 26.95
C ARG A 469 -1.34 34.78 27.59
N GLU A 470 -0.29 33.96 27.69
CA GLU A 470 1.06 34.48 27.85
C GLU A 470 1.64 34.88 26.50
N TYR A 471 1.59 33.98 25.54
CA TYR A 471 2.15 34.28 24.22
C TYR A 471 1.15 34.63 23.13
N ILE A 472 -0.15 34.52 23.41
CA ILE A 472 -1.17 34.81 22.40
C ILE A 472 -1.21 36.30 22.01
N PRO A 473 -1.39 37.19 23.00
CA PRO A 473 -1.44 38.64 22.74
C PRO A 473 -0.17 39.15 22.08
N LYS A 474 0.95 38.53 22.43
CA LYS A 474 2.25 38.88 21.87
C LYS A 474 2.27 38.39 20.42
N ILE A 475 1.52 37.31 20.18
CA ILE A 475 1.41 36.70 18.85
C ILE A 475 0.50 37.53 17.95
N MET A 476 -0.34 38.37 18.56
CA MET A 476 -1.25 39.23 17.82
C MET A 476 -0.59 40.60 17.58
N GLU A 477 0.46 40.86 18.35
CA GLU A 477 1.22 42.11 18.32
C GLU A 477 2.41 42.13 17.36
N GLU A 478 2.54 41.12 16.50
CA GLU A 478 3.69 41.09 15.59
C GLU A 478 3.40 41.31 14.12
N THR A 479 3.80 42.48 13.61
CA THR A 479 3.60 42.79 12.20
C THR A 479 4.90 42.98 11.43
N HIS A 480 5.30 41.95 10.68
CA HIS A 480 6.50 42.04 9.87
C HIS A 480 6.04 42.19 8.41
N TRP A 481 4.72 42.10 8.26
CA TRP A 481 4.02 42.17 6.97
C TRP A 481 4.20 40.87 6.22
N THR A 482 5.29 40.18 6.51
CA THR A 482 5.58 38.92 5.85
C THR A 482 5.17 37.69 6.64
N VAL A 483 4.86 37.85 7.91
CA VAL A 483 4.42 36.70 8.68
C VAL A 483 2.92 36.49 8.65
N TRP A 484 2.15 37.56 8.48
CA TRP A 484 0.70 37.37 8.45
C TRP A 484 0.23 36.64 7.20
N ILE A 485 1.07 36.69 6.17
CA ILE A 485 0.79 36.00 4.92
C ILE A 485 0.92 34.54 5.26
N THR A 486 1.97 34.22 6.01
CA THR A 486 2.19 32.84 6.39
C THR A 486 1.10 32.33 7.32
N ARG A 487 0.71 33.10 8.34
CA ARG A 487 -0.35 32.59 9.21
C ARG A 487 -1.65 32.32 8.43
N PHE A 488 -2.05 33.29 7.60
CA PHE A 488 -3.27 33.15 6.79
C PHE A 488 -3.16 31.94 5.87
N TYR A 489 -2.03 31.85 5.19
CA TYR A 489 -1.76 30.80 4.23
C TYR A 489 -1.76 29.40 4.83
N ILE A 490 -1.09 29.21 5.96
CA ILE A 490 -1.07 27.88 6.54
C ILE A 490 -2.44 27.52 7.11
N ILE A 491 -3.22 28.53 7.49
CA ILE A 491 -4.56 28.23 7.96
C ILE A 491 -5.38 27.78 6.76
N GLY A 492 -5.11 28.43 5.62
CA GLY A 492 -5.79 28.08 4.40
C GLY A 492 -5.48 26.66 3.98
N LEU A 493 -4.22 26.27 4.10
CA LEU A 493 -3.80 24.92 3.77
C LEU A 493 -4.51 23.91 4.66
N PHE A 494 -4.70 24.28 5.92
CA PHE A 494 -5.38 23.37 6.84
C PHE A 494 -6.84 23.22 6.41
N LEU A 495 -7.45 24.31 6.00
CA LEU A 495 -8.85 24.27 5.56
C LEU A 495 -8.98 23.45 4.28
N PHE A 496 -7.98 23.56 3.42
CA PHE A 496 -7.93 22.82 2.17
C PHE A 496 -7.88 21.32 2.49
N LEU A 497 -7.02 20.91 3.42
CA LEU A 497 -6.92 19.48 3.77
C LEU A 497 -8.24 18.99 4.38
N THR A 498 -8.89 19.85 5.15
CA THR A 498 -10.17 19.47 5.75
C THR A 498 -11.11 19.23 4.59
N PHE A 499 -10.99 20.08 3.57
CA PHE A 499 -11.81 19.96 2.38
C PHE A 499 -11.56 18.62 1.70
N LEU A 500 -10.30 18.17 1.66
CA LEU A 500 -10.01 16.88 1.04
C LEU A 500 -10.66 15.74 1.82
N VAL A 501 -10.69 15.84 3.14
CA VAL A 501 -11.31 14.78 3.93
C VAL A 501 -12.83 14.76 3.68
N PHE A 502 -13.41 15.95 3.53
CA PHE A 502 -14.83 16.10 3.25
C PHE A 502 -15.14 15.47 1.90
N LEU A 503 -14.29 15.75 0.92
CA LEU A 503 -14.49 15.19 -0.42
C LEU A 503 -14.38 13.67 -0.37
N ALA A 504 -13.48 13.14 0.44
CA ALA A 504 -13.36 11.69 0.53
C ALA A 504 -14.67 11.08 1.07
N GLU A 505 -15.25 11.70 2.11
CA GLU A 505 -16.50 11.16 2.66
C GLU A 505 -17.69 11.35 1.72
N ARG A 506 -17.65 12.40 0.92
CA ARG A 506 -18.75 12.63 -0.01
C ARG A 506 -18.65 11.66 -1.16
N ARG A 507 -17.42 11.38 -1.57
CA ARG A 507 -17.26 10.44 -2.64
C ARG A 507 -17.67 9.06 -2.16
N ARG A 508 -17.27 8.66 -0.94
CA ARG A 508 -17.69 7.34 -0.51
C ARG A 508 -19.21 7.22 -0.34
N ASN A 509 -19.82 8.19 0.33
CA ASN A 509 -21.28 8.20 0.55
C ASN A 509 -22.10 8.32 -0.74
N HIS A 510 -21.47 8.78 -1.81
CA HIS A 510 -22.18 8.93 -3.08
C HIS A 510 -22.63 7.63 -3.74
N GLU A 511 -21.85 6.57 -3.58
CA GLU A 511 -22.20 5.28 -4.18
C GLU A 511 -23.39 4.63 -3.46
N ASP B 1 -6.34 -24.90 14.48
CA ASP B 1 -6.83 -23.83 13.63
C ASP B 1 -8.34 -23.64 13.77
N ILE B 2 -8.84 -22.51 13.29
CA ILE B 2 -10.28 -22.26 13.29
C ILE B 2 -10.89 -22.76 11.99
N VAL B 3 -11.83 -23.70 12.11
CA VAL B 3 -12.46 -24.30 10.95
C VAL B 3 -13.81 -23.65 10.68
N LEU B 4 -14.04 -23.26 9.42
CA LEU B 4 -15.29 -22.63 9.03
C LEU B 4 -16.19 -23.60 8.30
N THR B 5 -17.34 -23.91 8.90
CA THR B 5 -18.33 -24.79 8.27
C THR B 5 -19.50 -23.99 7.71
N GLN B 6 -19.70 -24.09 6.40
CA GLN B 6 -20.78 -23.36 5.74
C GLN B 6 -22.00 -24.26 5.54
N SER B 7 -23.16 -23.71 5.88
CA SER B 7 -24.43 -24.36 5.61
C SER B 7 -24.64 -24.36 4.10
N PRO B 8 -25.86 -24.62 3.63
CA PRO B 8 -25.95 -25.46 2.42
C PRO B 8 -24.90 -25.14 1.36
N THR B 9 -24.28 -26.22 0.89
CA THR B 9 -23.14 -26.19 -0.03
C THR B 9 -23.59 -25.66 -1.37
N TYR B 10 -24.78 -26.08 -1.79
CA TYR B 10 -25.40 -25.61 -3.01
C TYR B 10 -26.78 -25.04 -2.69
N LEU B 11 -27.05 -23.84 -3.17
CA LEU B 11 -28.30 -23.15 -2.89
C LEU B 11 -28.88 -22.59 -4.18
N ALA B 12 -30.18 -22.79 -4.38
CA ALA B 12 -30.85 -22.28 -5.56
C ALA B 12 -32.02 -21.40 -5.13
N VAL B 13 -32.17 -20.24 -5.76
CA VAL B 13 -33.24 -19.32 -5.37
C VAL B 13 -33.85 -18.57 -6.55
N SER B 14 -35.15 -18.31 -6.47
CA SER B 14 -35.86 -17.58 -7.53
C SER B 14 -35.56 -16.09 -7.47
N LEU B 15 -35.73 -15.44 -8.61
CA LEU B 15 -35.50 -14.01 -8.74
C LEU B 15 -36.34 -13.20 -7.75
N GLY B 16 -35.76 -12.14 -7.20
CA GLY B 16 -36.48 -11.21 -6.35
C GLY B 16 -36.66 -11.65 -4.91
N GLN B 17 -36.38 -12.92 -4.64
CA GLN B 17 -36.48 -13.46 -3.28
C GLN B 17 -35.15 -13.30 -2.56
N ARG B 18 -35.11 -13.71 -1.29
CA ARG B 18 -33.90 -13.51 -0.49
C ARG B 18 -33.11 -14.81 -0.33
N ALA B 19 -31.79 -14.69 -0.33
CA ALA B 19 -30.92 -15.84 -0.11
C ALA B 19 -30.14 -15.65 1.19
N THR B 20 -30.20 -16.67 2.05
CA THR B 20 -29.48 -16.63 3.32
C THR B 20 -28.40 -17.71 3.35
N ILE B 21 -27.14 -17.31 3.28
CA ILE B 21 -26.05 -18.25 3.44
C ILE B 21 -25.46 -18.10 4.84
N SER B 22 -24.98 -19.20 5.41
CA SER B 22 -24.52 -19.17 6.79
C SER B 22 -23.05 -19.55 6.93
N CYS B 23 -22.45 -19.16 8.05
CA CYS B 23 -21.06 -19.54 8.35
C CYS B 23 -20.94 -19.84 9.84
N ARG B 24 -20.28 -20.95 10.16
CA ARG B 24 -20.07 -21.33 11.56
C ARG B 24 -18.58 -21.52 11.86
N ALA B 25 -18.15 -21.16 13.06
CA ALA B 25 -16.73 -21.25 13.44
C ALA B 25 -16.48 -22.07 14.71
N SER B 26 -15.36 -22.79 14.73
CA SER B 26 -14.99 -23.63 15.87
C SER B 26 -14.73 -22.81 17.13
N GLU B 27 -14.11 -21.64 16.94
CA GLU B 27 -13.84 -20.72 18.04
C GLU B 27 -14.49 -19.37 17.70
N SER B 28 -14.65 -18.52 18.71
CA SER B 28 -15.19 -17.18 18.49
C SER B 28 -14.32 -16.36 17.53
N VAL B 29 -14.95 -15.71 16.56
CA VAL B 29 -14.26 -14.89 15.59
C VAL B 29 -14.16 -13.45 16.11
N ASP B 30 -14.62 -13.24 17.34
CA ASP B 30 -14.67 -11.90 17.93
C ASP B 30 -13.46 -11.53 18.78
N THR B 31 -12.82 -10.43 18.42
CA THR B 31 -11.77 -9.84 19.25
C THR B 31 -12.05 -8.36 19.40
N TYR B 32 -12.13 -7.90 20.65
CA TYR B 32 -12.48 -6.52 20.94
C TYR B 32 -13.91 -6.20 20.52
N ASP B 33 -14.78 -7.21 20.58
CA ASP B 33 -16.19 -7.03 20.23
C ASP B 33 -16.36 -6.70 18.75
N ASN B 34 -15.54 -7.32 17.91
CA ASN B 34 -15.62 -7.15 16.47
C ASN B 34 -15.52 -8.50 15.77
N SER B 35 -16.45 -8.75 14.85
CA SER B 35 -16.48 -10.02 14.13
C SER B 35 -15.64 -9.94 12.86
N PHE B 36 -14.65 -10.82 12.75
CA PHE B 36 -13.66 -10.76 11.68
C PHE B 36 -13.97 -11.57 10.43
N ILE B 37 -15.17 -12.13 10.34
CA ILE B 37 -15.57 -12.91 9.16
C ILE B 37 -15.87 -12.01 7.95
N HIS B 38 -15.38 -12.41 6.77
CA HIS B 38 -15.53 -11.61 5.55
C HIS B 38 -16.05 -12.42 4.37
N TRP B 39 -16.94 -11.82 3.57
CA TRP B 39 -17.59 -12.53 2.46
C TRP B 39 -17.04 -12.21 1.07
N TYR B 40 -16.96 -13.23 0.22
CA TYR B 40 -16.43 -13.07 -1.13
C TYR B 40 -17.35 -13.65 -2.21
N GLN B 41 -17.55 -12.89 -3.28
CA GLN B 41 -18.28 -13.36 -4.44
C GLN B 41 -17.29 -13.73 -5.53
N GLN B 42 -17.23 -15.00 -5.90
CA GLN B 42 -16.33 -15.43 -6.96
C GLN B 42 -17.07 -16.10 -8.08
N LYS B 43 -17.00 -15.49 -9.26
CA LYS B 43 -17.49 -16.12 -10.48
C LYS B 43 -16.36 -16.91 -11.11
N PRO B 44 -16.71 -17.99 -11.82
CA PRO B 44 -15.69 -18.79 -12.52
C PRO B 44 -14.98 -17.97 -13.60
N GLY B 45 -13.66 -18.04 -13.61
CA GLY B 45 -12.87 -17.26 -14.56
C GLY B 45 -12.41 -15.96 -13.94
N GLN B 46 -12.88 -15.70 -12.72
CA GLN B 46 -12.53 -14.49 -12.00
C GLN B 46 -11.87 -14.84 -10.68
N PRO B 47 -11.17 -13.86 -10.09
CA PRO B 47 -10.73 -14.03 -8.71
C PRO B 47 -11.93 -13.81 -7.80
N PRO B 48 -11.77 -13.98 -6.49
CA PRO B 48 -12.91 -13.61 -5.65
C PRO B 48 -13.17 -12.11 -5.73
N LYS B 49 -14.23 -11.66 -5.07
CA LYS B 49 -14.58 -10.25 -5.03
C LYS B 49 -15.10 -9.94 -3.64
N LEU B 50 -14.49 -8.97 -2.96
CA LEU B 50 -14.90 -8.68 -1.59
C LEU B 50 -16.29 -8.06 -1.53
N LEU B 51 -17.10 -8.59 -0.63
CA LEU B 51 -18.50 -8.17 -0.49
C LEU B 51 -18.71 -7.41 0.81
N ILE B 52 -18.43 -8.07 1.93
CA ILE B 52 -18.67 -7.51 3.25
C ILE B 52 -17.49 -7.77 4.16
N TYR B 53 -17.13 -6.78 4.98
CA TYR B 53 -16.03 -6.91 5.92
C TYR B 53 -16.48 -6.69 7.36
N ARG B 54 -15.78 -7.35 8.29
CA ARG B 54 -16.10 -7.30 9.71
C ARG B 54 -17.55 -7.73 9.95
N ALA B 55 -18.07 -8.43 8.96
CA ALA B 55 -19.32 -9.17 8.99
C ALA B 55 -20.61 -8.36 8.93
N SER B 56 -20.60 -7.10 9.36
CA SER B 56 -21.77 -6.24 9.18
C SER B 56 -21.63 -5.14 8.13
N ASN B 57 -20.43 -4.98 7.57
CA ASN B 57 -20.10 -3.74 6.85
C ASN B 57 -20.03 -3.87 5.34
N LEU B 58 -20.85 -3.08 4.64
CA LEU B 58 -20.93 -3.17 3.19
C LEU B 58 -19.75 -2.52 2.48
N GLU B 59 -19.03 -3.32 1.71
CA GLU B 59 -17.94 -2.81 0.90
C GLU B 59 -18.49 -1.93 -0.21
N SER B 60 -17.70 -0.94 -0.62
CA SER B 60 -18.08 -0.02 -1.69
C SER B 60 -18.08 -0.72 -3.04
N GLY B 61 -18.86 -0.21 -3.98
CA GLY B 61 -18.95 -0.81 -5.29
C GLY B 61 -19.94 -1.98 -5.30
N ILE B 62 -20.23 -2.49 -4.11
CA ILE B 62 -21.19 -3.57 -3.95
C ILE B 62 -22.55 -2.97 -3.60
N PRO B 63 -23.60 -3.43 -4.31
CA PRO B 63 -24.95 -2.91 -4.09
C PRO B 63 -25.46 -3.22 -2.69
N ALA B 64 -26.40 -2.41 -2.20
CA ALA B 64 -26.92 -2.55 -0.84
C ALA B 64 -27.67 -3.86 -0.64
N ARG B 65 -27.89 -4.58 -1.75
CA ARG B 65 -28.57 -5.87 -1.69
C ARG B 65 -27.86 -6.84 -0.77
N PHE B 66 -26.54 -6.69 -0.65
CA PHE B 66 -25.72 -7.56 0.18
C PHE B 66 -25.61 -7.00 1.59
N SER B 67 -26.07 -7.77 2.58
CA SER B 67 -25.99 -7.33 3.96
C SER B 67 -25.43 -8.42 4.87
N GLY B 68 -24.52 -8.03 5.74
CA GLY B 68 -23.91 -8.96 6.68
C GLY B 68 -24.64 -8.98 8.00
N SER B 69 -24.55 -10.11 8.71
CA SER B 69 -25.24 -10.27 9.99
C SER B 69 -24.54 -11.31 10.86
N GLY B 70 -24.91 -11.33 12.15
CA GLY B 70 -24.49 -12.39 13.05
C GLY B 70 -23.42 -11.99 14.05
N SER B 71 -23.02 -12.95 14.89
CA SER B 71 -21.99 -12.71 15.89
C SER B 71 -21.45 -14.01 16.49
N ARG B 72 -20.55 -13.85 17.47
CA ARG B 72 -19.99 -14.99 18.18
C ARG B 72 -19.48 -15.99 17.14
N THR B 73 -20.10 -17.16 17.12
CA THR B 73 -19.84 -18.18 16.11
C THR B 73 -20.63 -17.93 14.82
N ASP B 74 -21.96 -17.90 14.93
CA ASP B 74 -22.82 -17.92 13.75
C ASP B 74 -22.89 -16.61 12.98
N PHE B 75 -22.75 -16.69 11.66
CA PHE B 75 -22.85 -15.51 10.81
C PHE B 75 -23.78 -15.73 9.60
N THR B 76 -24.41 -14.65 9.15
CA THR B 76 -25.39 -14.73 8.06
C THR B 76 -25.17 -13.69 6.96
N LEU B 77 -24.89 -14.19 5.75
CA LEU B 77 -24.83 -13.34 4.56
C LEU B 77 -26.19 -13.34 3.87
N THR B 78 -26.82 -12.16 3.81
CA THR B 78 -28.14 -12.02 3.24
C THR B 78 -28.14 -11.25 1.92
N ILE B 79 -28.59 -11.88 0.85
CA ILE B 79 -28.74 -11.20 -0.42
C ILE B 79 -30.22 -11.06 -0.75
N ASN B 80 -30.74 -9.84 -0.62
CA ASN B 80 -32.09 -9.54 -1.06
C ASN B 80 -32.17 -8.15 -1.68
N PRO B 81 -32.89 -8.02 -2.81
CA PRO B 81 -33.34 -9.17 -3.61
C PRO B 81 -32.17 -9.74 -4.42
N VAL B 82 -32.20 -11.04 -4.69
CA VAL B 82 -31.13 -11.68 -5.45
C VAL B 82 -31.22 -11.27 -6.92
N GLU B 83 -30.07 -11.06 -7.54
CA GLU B 83 -30.03 -10.66 -8.95
C GLU B 83 -29.28 -11.69 -9.77
N THR B 84 -29.52 -11.68 -11.08
CA THR B 84 -28.99 -12.70 -11.98
C THR B 84 -27.46 -12.85 -11.95
N ASP B 85 -26.73 -11.74 -11.96
CA ASP B 85 -25.27 -11.78 -11.96
C ASP B 85 -24.68 -12.22 -10.62
N ASP B 86 -25.55 -12.44 -9.64
CA ASP B 86 -25.14 -12.88 -8.31
C ASP B 86 -24.87 -14.38 -8.29
N VAL B 87 -25.03 -15.04 -9.44
CA VAL B 87 -24.73 -16.45 -9.55
C VAL B 87 -23.21 -16.64 -9.53
N ALA B 88 -22.74 -17.38 -8.53
CA ALA B 88 -21.31 -17.62 -8.34
C ALA B 88 -21.12 -18.35 -7.03
N THR B 89 -19.87 -18.74 -6.74
CA THR B 89 -19.58 -19.34 -5.44
C THR B 89 -19.25 -18.25 -4.41
N TYR B 90 -19.79 -18.40 -3.20
CA TYR B 90 -19.60 -17.41 -2.14
C TYR B 90 -18.85 -17.99 -0.95
N TYR B 91 -17.79 -17.30 -0.53
CA TYR B 91 -16.95 -17.79 0.57
C TYR B 91 -16.98 -16.88 1.78
N CYS B 92 -16.66 -17.44 2.94
CA CYS B 92 -16.47 -16.64 4.14
C CYS B 92 -15.07 -16.89 4.71
N GLN B 93 -14.52 -15.91 5.40
CA GLN B 93 -13.16 -16.02 5.93
C GLN B 93 -13.08 -15.53 7.38
N GLN B 94 -12.17 -16.11 8.15
CA GLN B 94 -11.94 -15.67 9.52
C GLN B 94 -10.51 -15.18 9.73
N SER B 95 -10.37 -13.89 10.02
CA SER B 95 -9.04 -13.31 10.23
C SER B 95 -8.66 -13.18 11.71
N ASN B 96 -9.57 -13.55 12.60
CA ASN B 96 -9.35 -13.34 14.03
C ASN B 96 -8.13 -14.08 14.56
N GLU B 97 -8.05 -15.38 14.28
CA GLU B 97 -6.87 -16.16 14.64
C GLU B 97 -6.02 -16.45 13.41
N ASP B 98 -4.72 -16.24 13.56
CA ASP B 98 -3.77 -16.56 12.52
C ASP B 98 -3.31 -18.00 12.73
N PRO B 99 -3.12 -18.76 11.64
CA PRO B 99 -3.31 -18.34 10.24
C PRO B 99 -4.77 -18.04 9.92
N LEU B 100 -5.06 -17.70 8.66
CA LEU B 100 -6.41 -17.40 8.24
C LEU B 100 -7.05 -18.58 7.51
N THR B 101 -8.35 -18.74 7.65
CA THR B 101 -9.02 -19.91 7.09
C THR B 101 -10.31 -19.54 6.34
N PHE B 102 -10.65 -20.32 5.32
CA PHE B 102 -11.82 -20.05 4.49
C PHE B 102 -12.90 -21.12 4.60
N GLY B 103 -14.15 -20.73 4.36
CA GLY B 103 -15.23 -21.67 4.25
C GLY B 103 -15.05 -22.50 2.97
N SER B 104 -15.83 -23.56 2.84
CA SER B 104 -15.75 -24.46 1.69
C SER B 104 -16.48 -23.90 0.48
N GLY B 105 -17.34 -22.91 0.71
CA GLY B 105 -18.03 -22.21 -0.36
C GLY B 105 -19.48 -22.62 -0.54
N THR B 106 -20.30 -21.68 -1.01
CA THR B 106 -21.70 -21.93 -1.29
C THR B 106 -22.03 -21.53 -2.71
N LYS B 107 -22.40 -22.48 -3.56
CA LYS B 107 -22.71 -22.16 -4.95
C LYS B 107 -24.16 -21.75 -5.12
N LEU B 108 -24.37 -20.51 -5.52
CA LEU B 108 -25.71 -20.00 -5.74
C LEU B 108 -26.10 -20.19 -7.20
N GLU B 109 -27.32 -20.65 -7.41
CA GLU B 109 -27.88 -20.72 -8.75
C GLU B 109 -29.33 -20.25 -8.74
N ILE B 110 -29.70 -19.51 -9.77
CA ILE B 110 -31.04 -18.95 -9.88
C ILE B 110 -32.02 -20.00 -10.39
N LYS B 111 -33.27 -19.90 -9.93
CA LYS B 111 -34.32 -20.74 -10.45
C LYS B 111 -34.98 -20.04 -11.63
N ARG B 112 -34.82 -20.62 -12.81
CA ARG B 112 -35.39 -20.04 -14.02
C ARG B 112 -36.49 -20.95 -14.53
N ALA B 113 -37.50 -20.35 -15.14
CA ALA B 113 -38.60 -21.10 -15.71
C ALA B 113 -38.03 -22.11 -16.71
N ASP B 114 -38.67 -23.27 -16.81
CA ASP B 114 -38.19 -24.31 -17.73
C ASP B 114 -38.05 -23.72 -19.13
N ALA B 115 -37.04 -24.17 -19.85
CA ALA B 115 -36.79 -23.67 -21.20
C ALA B 115 -36.18 -24.77 -22.06
N ALA B 116 -36.52 -24.76 -23.34
CA ALA B 116 -36.04 -25.76 -24.28
C ALA B 116 -34.66 -25.41 -24.80
N PRO B 117 -33.78 -26.42 -24.94
CA PRO B 117 -32.47 -26.22 -25.54
C PRO B 117 -32.60 -25.99 -27.05
N THR B 118 -31.78 -25.11 -27.59
CA THR B 118 -31.77 -24.90 -29.02
C THR B 118 -30.60 -25.67 -29.62
N VAL B 119 -30.94 -26.75 -30.34
CA VAL B 119 -29.94 -27.70 -30.80
C VAL B 119 -29.42 -27.33 -32.18
N SER B 120 -28.10 -27.33 -32.34
CA SER B 120 -27.51 -27.17 -33.66
C SER B 120 -26.39 -28.18 -33.90
N ILE B 121 -26.42 -28.80 -35.08
CA ILE B 121 -25.45 -29.85 -35.42
C ILE B 121 -24.47 -29.41 -36.51
N PHE B 122 -23.18 -29.57 -36.23
CA PHE B 122 -22.12 -29.13 -37.13
C PHE B 122 -21.26 -30.27 -37.66
N PRO B 123 -21.25 -30.45 -38.99
CA PRO B 123 -20.42 -31.42 -39.69
C PRO B 123 -18.93 -31.18 -39.42
N PRO B 124 -18.10 -32.22 -39.61
CA PRO B 124 -16.65 -32.09 -39.49
C PRO B 124 -16.08 -31.11 -40.51
N SER B 125 -15.13 -30.29 -40.08
CA SER B 125 -14.47 -29.32 -40.94
C SER B 125 -13.62 -30.02 -41.99
N SER B 126 -13.70 -29.55 -43.23
CA SER B 126 -12.90 -30.11 -44.31
C SER B 126 -11.44 -30.14 -43.90
N GLU B 127 -11.01 -29.04 -43.29
CA GLU B 127 -9.65 -28.90 -42.80
C GLU B 127 -9.32 -30.01 -41.82
N GLN B 128 -10.26 -30.33 -40.94
CA GLN B 128 -10.08 -31.43 -40.02
C GLN B 128 -9.96 -32.74 -40.79
N LEU B 129 -10.73 -32.85 -41.87
CA LEU B 129 -10.70 -34.05 -42.71
C LEU B 129 -9.31 -34.25 -43.31
N THR B 130 -8.65 -33.15 -43.66
CA THR B 130 -7.28 -33.22 -44.16
C THR B 130 -6.35 -33.79 -43.11
N SER B 131 -6.71 -33.60 -41.84
CA SER B 131 -5.90 -34.07 -40.72
C SER B 131 -6.13 -35.55 -40.43
N GLY B 132 -7.22 -36.09 -40.96
CA GLY B 132 -7.53 -37.50 -40.77
C GLY B 132 -8.62 -37.74 -39.75
N GLY B 133 -8.91 -36.71 -38.96
CA GLY B 133 -9.96 -36.81 -37.96
C GLY B 133 -11.31 -36.33 -38.47
N ALA B 134 -12.38 -36.85 -37.89
CA ALA B 134 -13.72 -36.38 -38.20
C ALA B 134 -14.50 -36.19 -36.90
N SER B 135 -14.86 -34.96 -36.60
CA SER B 135 -15.61 -34.67 -35.38
C SER B 135 -16.94 -34.00 -35.71
N VAL B 136 -18.00 -34.47 -35.06
CA VAL B 136 -19.30 -33.87 -35.24
C VAL B 136 -19.71 -33.19 -33.94
N VAL B 137 -20.00 -31.91 -34.02
CA VAL B 137 -20.35 -31.14 -32.83
C VAL B 137 -21.84 -30.83 -32.81
N CYS B 138 -22.43 -30.93 -31.63
CA CYS B 138 -23.85 -30.65 -31.48
C CYS B 138 -24.01 -29.71 -30.29
N PHE B 139 -24.48 -28.49 -30.56
CA PHE B 139 -24.64 -27.49 -29.50
C PHE B 139 -26.06 -27.50 -28.97
N LEU B 140 -26.19 -27.54 -27.65
CA LEU B 140 -27.48 -27.37 -27.01
C LEU B 140 -27.42 -26.11 -26.16
N ASN B 141 -28.10 -25.06 -26.59
CA ASN B 141 -27.97 -23.77 -25.93
C ASN B 141 -29.21 -23.35 -25.16
N ASN B 142 -29.01 -22.53 -24.14
CA ASN B 142 -30.11 -21.89 -23.42
C ASN B 142 -31.24 -22.84 -23.02
N PHE B 143 -30.97 -23.72 -22.07
CA PHE B 143 -32.01 -24.59 -21.54
C PHE B 143 -31.99 -24.59 -20.01
N TYR B 144 -33.12 -24.96 -19.42
CA TYR B 144 -33.18 -25.18 -17.99
C TYR B 144 -34.12 -26.35 -17.71
N PRO B 145 -33.79 -27.19 -16.72
CA PRO B 145 -32.61 -27.20 -15.84
C PRO B 145 -31.33 -27.65 -16.55
N LYS B 146 -30.27 -27.87 -15.76
CA LYS B 146 -28.99 -28.31 -16.29
C LYS B 146 -29.04 -29.74 -16.83
N ASP B 147 -29.73 -30.63 -16.11
CA ASP B 147 -29.77 -32.04 -16.50
C ASP B 147 -30.39 -32.22 -17.87
N ILE B 148 -29.67 -32.90 -18.74
CA ILE B 148 -30.12 -33.12 -20.09
C ILE B 148 -29.56 -34.46 -20.55
N ASN B 149 -29.91 -34.87 -21.77
CA ASN B 149 -29.42 -36.13 -22.29
C ASN B 149 -29.09 -35.99 -23.77
N VAL B 150 -27.99 -36.60 -24.20
CA VAL B 150 -27.63 -36.59 -25.60
C VAL B 150 -27.29 -37.99 -26.08
N LYS B 151 -27.93 -38.40 -27.18
CA LYS B 151 -27.61 -39.67 -27.80
C LYS B 151 -27.20 -39.41 -29.24
N TRP B 152 -26.10 -40.02 -29.65
CA TRP B 152 -25.60 -39.87 -31.00
C TRP B 152 -26.00 -41.05 -31.86
N LYS B 153 -26.69 -40.78 -32.96
CA LYS B 153 -27.09 -41.83 -33.88
C LYS B 153 -26.36 -41.73 -35.21
N ILE B 154 -25.62 -42.79 -35.54
CA ILE B 154 -24.92 -42.86 -36.82
C ILE B 154 -25.54 -43.96 -37.69
N ASP B 155 -26.24 -43.55 -38.75
CA ASP B 155 -27.00 -44.47 -39.59
C ASP B 155 -28.04 -45.24 -38.79
N GLY B 156 -28.71 -44.56 -37.86
CA GLY B 156 -29.77 -45.15 -37.07
C GLY B 156 -29.29 -45.82 -35.80
N SER B 157 -28.02 -46.20 -35.77
CA SER B 157 -27.44 -46.86 -34.59
C SER B 157 -26.98 -45.87 -33.52
N GLU B 158 -27.11 -46.25 -32.25
CA GLU B 158 -26.70 -45.39 -31.15
C GLU B 158 -25.20 -45.57 -30.85
N ARG B 159 -24.45 -44.49 -30.98
CA ARG B 159 -22.99 -44.51 -30.79
C ARG B 159 -22.62 -44.11 -29.37
N GLN B 160 -22.14 -45.09 -28.60
CA GLN B 160 -21.75 -44.85 -27.21
C GLN B 160 -20.35 -44.29 -27.04
N ASN B 161 -19.43 -44.70 -27.91
CA ASN B 161 -18.00 -44.41 -27.76
C ASN B 161 -17.49 -43.16 -28.48
N GLY B 162 -16.53 -42.49 -27.86
CA GLY B 162 -15.93 -41.30 -28.43
C GLY B 162 -16.80 -40.07 -28.30
N VAL B 163 -17.44 -39.91 -27.14
CA VAL B 163 -18.28 -38.75 -26.89
C VAL B 163 -17.72 -37.92 -25.74
N LEU B 164 -17.25 -36.71 -26.06
CA LEU B 164 -16.79 -35.78 -25.04
C LEU B 164 -17.85 -34.70 -24.82
N ASN B 165 -18.22 -34.49 -23.56
CA ASN B 165 -19.24 -33.51 -23.21
C ASN B 165 -18.73 -32.39 -22.32
N SER B 166 -19.32 -31.22 -22.47
CA SER B 166 -18.95 -30.07 -21.67
C SER B 166 -20.16 -29.19 -21.35
N TRP B 167 -20.29 -28.78 -20.09
CA TRP B 167 -21.37 -27.88 -19.68
C TRP B 167 -20.80 -26.55 -19.22
N THR B 168 -21.46 -25.46 -19.58
CA THR B 168 -21.05 -24.15 -19.07
C THR B 168 -21.64 -23.95 -17.68
N ASP B 169 -21.26 -22.84 -17.05
CA ASP B 169 -21.86 -22.43 -15.80
C ASP B 169 -23.18 -21.71 -16.11
N GLN B 170 -24.08 -21.67 -15.13
CA GLN B 170 -25.35 -21.00 -15.34
C GLN B 170 -25.15 -19.55 -15.77
N ASP B 171 -25.85 -19.14 -16.82
CA ASP B 171 -25.73 -17.77 -17.33
C ASP B 171 -26.09 -16.76 -16.25
N SER B 172 -25.43 -15.61 -16.28
CA SER B 172 -25.66 -14.56 -15.30
C SER B 172 -26.74 -13.58 -15.73
N LYS B 173 -27.37 -13.85 -16.87
CA LYS B 173 -28.43 -12.98 -17.38
C LYS B 173 -29.79 -13.69 -17.53
N ASP B 174 -29.86 -14.71 -18.38
CA ASP B 174 -31.11 -15.47 -18.54
C ASP B 174 -31.18 -16.73 -17.68
N SER B 175 -30.13 -16.98 -16.90
CA SER B 175 -30.10 -18.12 -15.98
C SER B 175 -30.26 -19.48 -16.66
N THR B 176 -29.75 -19.61 -17.88
CA THR B 176 -29.83 -20.88 -18.60
C THR B 176 -28.50 -21.62 -18.63
N TYR B 177 -28.52 -22.80 -19.21
CA TYR B 177 -27.32 -23.61 -19.35
C TYR B 177 -27.12 -23.95 -20.82
N SER B 178 -25.90 -24.31 -21.19
CA SER B 178 -25.60 -24.74 -22.54
C SER B 178 -24.62 -25.89 -22.50
N MET B 179 -24.71 -26.77 -23.49
CA MET B 179 -23.89 -27.97 -23.52
C MET B 179 -23.36 -28.25 -24.92
N SER B 180 -22.13 -28.73 -24.99
CA SER B 180 -21.52 -29.09 -26.26
C SER B 180 -21.16 -30.57 -26.26
N SER B 181 -21.79 -31.33 -27.14
CA SER B 181 -21.48 -32.75 -27.27
C SER B 181 -20.70 -32.98 -28.54
N THR B 182 -19.62 -33.74 -28.42
CA THR B 182 -18.72 -33.96 -29.55
C THR B 182 -18.43 -35.42 -29.81
N LEU B 183 -18.88 -35.91 -30.96
CA LEU B 183 -18.61 -37.29 -31.37
C LEU B 183 -17.37 -37.29 -32.24
N THR B 184 -16.32 -37.97 -31.77
CA THR B 184 -15.05 -37.97 -32.48
C THR B 184 -14.72 -39.34 -33.06
N LEU B 185 -14.61 -39.39 -34.38
CA LEU B 185 -14.24 -40.63 -35.07
C LEU B 185 -13.08 -40.36 -36.02
N THR B 186 -12.60 -41.42 -36.67
CA THR B 186 -11.64 -41.28 -37.76
C THR B 186 -12.35 -40.92 -39.07
N LYS B 187 -11.62 -40.28 -39.99
CA LYS B 187 -12.18 -39.89 -41.27
C LYS B 187 -12.65 -41.13 -42.04
N ASP B 188 -11.93 -42.23 -41.87
CA ASP B 188 -12.30 -43.49 -42.51
C ASP B 188 -13.71 -43.90 -42.07
N GLU B 189 -13.91 -44.03 -40.77
CA GLU B 189 -15.20 -44.46 -40.24
C GLU B 189 -16.30 -43.44 -40.52
N TYR B 190 -15.92 -42.17 -40.57
CA TYR B 190 -16.88 -41.10 -40.86
C TYR B 190 -17.34 -41.15 -42.32
N GLU B 191 -16.48 -41.65 -43.19
CA GLU B 191 -16.83 -41.77 -44.61
C GLU B 191 -17.52 -43.11 -44.90
N ARG B 192 -17.59 -43.97 -43.89
CA ARG B 192 -18.24 -45.25 -44.02
C ARG B 192 -19.76 -45.12 -43.94
N HIS B 193 -20.23 -44.24 -43.07
CA HIS B 193 -21.67 -44.03 -42.91
C HIS B 193 -22.13 -42.75 -43.60
N ASN B 194 -23.42 -42.46 -43.48
CA ASN B 194 -23.99 -41.29 -44.14
C ASN B 194 -24.69 -40.30 -43.19
N SER B 195 -25.77 -40.73 -42.56
CA SER B 195 -26.55 -39.84 -41.70
C SER B 195 -25.98 -39.77 -40.28
N TYR B 196 -25.86 -38.56 -39.76
CA TYR B 196 -25.37 -38.34 -38.39
C TYR B 196 -26.38 -37.54 -37.59
N THR B 197 -26.91 -38.16 -36.53
CA THR B 197 -28.01 -37.56 -35.79
C THR B 197 -27.65 -37.19 -34.36
N CYS B 198 -28.22 -36.09 -33.90
CA CYS B 198 -28.06 -35.63 -32.53
C CYS B 198 -29.44 -35.50 -31.89
N GLU B 199 -29.71 -36.30 -30.87
CA GLU B 199 -31.03 -36.31 -30.24
C GLU B 199 -30.97 -35.84 -28.81
N ALA B 200 -31.75 -34.82 -28.49
CA ALA B 200 -31.70 -34.18 -27.19
C ALA B 200 -32.97 -34.43 -26.39
N THR B 201 -32.83 -35.16 -25.28
CA THR B 201 -33.97 -35.43 -24.41
C THR B 201 -33.98 -34.49 -23.21
N HIS B 202 -35.03 -33.69 -23.09
CA HIS B 202 -35.14 -32.73 -22.00
C HIS B 202 -36.52 -32.80 -21.33
N LYS B 203 -36.64 -32.17 -20.17
CA LYS B 203 -37.88 -32.21 -19.41
C LYS B 203 -38.96 -31.29 -19.99
N THR B 204 -38.54 -30.38 -20.87
CA THR B 204 -39.46 -29.43 -21.48
C THR B 204 -40.33 -30.04 -22.57
N SER B 205 -39.90 -31.19 -23.10
CA SER B 205 -40.68 -31.92 -24.10
C SER B 205 -40.48 -33.42 -24.01
N THR B 206 -41.55 -34.18 -24.21
CA THR B 206 -41.47 -35.64 -24.22
C THR B 206 -40.71 -36.09 -25.46
N SER B 207 -41.08 -35.51 -26.59
CA SER B 207 -40.42 -35.81 -27.85
C SER B 207 -39.04 -35.17 -27.90
N PRO B 208 -38.01 -36.00 -28.11
CA PRO B 208 -36.62 -35.51 -28.18
C PRO B 208 -36.41 -34.57 -29.36
N ILE B 209 -35.50 -33.61 -29.20
CA ILE B 209 -35.17 -32.70 -30.27
C ILE B 209 -34.10 -33.33 -31.15
N VAL B 210 -34.42 -33.52 -32.42
CA VAL B 210 -33.55 -34.27 -33.31
C VAL B 210 -32.93 -33.41 -34.40
N LYS B 211 -31.62 -33.30 -34.38
CA LYS B 211 -30.90 -32.55 -35.39
C LYS B 211 -29.87 -33.44 -36.07
N SER B 212 -29.94 -33.49 -37.39
CA SER B 212 -29.10 -34.40 -38.15
C SER B 212 -28.70 -33.78 -39.48
N PHE B 213 -27.71 -34.37 -40.14
CA PHE B 213 -27.34 -33.96 -41.49
C PHE B 213 -26.93 -35.20 -42.28
N ASN B 214 -27.11 -35.15 -43.60
CA ASN B 214 -26.67 -36.24 -44.46
C ASN B 214 -25.31 -35.95 -45.08
N ARG B 215 -24.31 -36.75 -44.70
CA ARG B 215 -22.97 -36.58 -45.22
C ARG B 215 -22.97 -36.55 -46.73
N ASN B 216 -22.26 -35.58 -47.30
CA ASN B 216 -22.19 -35.41 -48.74
C ASN B 216 -20.90 -34.72 -49.18
N GLN C 1 -7.61 2.51 -7.92
CA GLN C 1 -6.90 2.44 -9.20
C GLN C 1 -5.74 1.44 -9.13
N VAL C 2 -5.83 0.51 -8.20
CA VAL C 2 -4.79 -0.49 -7.98
C VAL C 2 -4.95 -1.73 -8.86
N GLN C 3 -3.87 -2.13 -9.53
CA GLN C 3 -3.87 -3.36 -10.31
C GLN C 3 -2.76 -4.31 -9.86
N LEU C 4 -3.10 -5.58 -9.66
CA LEU C 4 -2.10 -6.62 -9.46
C LEU C 4 -2.02 -7.50 -10.70
N GLN C 5 -0.84 -7.57 -11.31
CA GLN C 5 -0.68 -8.30 -12.56
C GLN C 5 0.26 -9.49 -12.38
N GLN C 6 -0.22 -10.69 -12.71
CA GLN C 6 0.55 -11.90 -12.46
C GLN C 6 1.09 -12.53 -13.74
N SER C 7 2.23 -13.22 -13.62
CA SER C 7 2.97 -13.70 -14.78
C SER C 7 2.10 -14.37 -15.84
N GLY C 8 1.54 -15.53 -15.50
CA GLY C 8 0.73 -16.28 -16.45
C GLY C 8 0.78 -17.78 -16.20
N THR C 9 0.35 -18.56 -17.18
CA THR C 9 0.32 -20.01 -17.04
C THR C 9 1.67 -20.66 -17.34
N GLU C 10 2.04 -21.63 -16.52
CA GLU C 10 3.33 -22.30 -16.68
C GLU C 10 3.26 -23.81 -16.46
N LEU C 11 4.02 -24.54 -17.26
CA LEU C 11 4.05 -25.99 -17.19
C LEU C 11 5.39 -26.44 -16.63
N MET C 12 5.38 -27.43 -15.74
CA MET C 12 6.62 -27.88 -15.12
C MET C 12 6.67 -29.39 -14.89
N ARG C 13 7.88 -29.95 -14.92
CA ARG C 13 8.09 -31.35 -14.60
C ARG C 13 8.08 -31.52 -13.08
N PRO C 14 7.39 -32.56 -12.60
CA PRO C 14 7.29 -32.81 -11.15
C PRO C 14 8.66 -32.90 -10.48
N GLY C 15 8.84 -32.15 -9.40
CA GLY C 15 10.11 -32.13 -8.67
C GLY C 15 10.90 -30.85 -8.92
N ALA C 16 10.49 -30.09 -9.93
CA ALA C 16 11.19 -28.87 -10.30
C ALA C 16 10.77 -27.71 -9.40
N SER C 17 11.15 -26.50 -9.78
CA SER C 17 10.80 -25.30 -9.03
C SER C 17 10.40 -24.14 -9.95
N VAL C 18 9.50 -23.29 -9.45
CA VAL C 18 9.01 -22.16 -10.22
C VAL C 18 8.97 -20.89 -9.39
N LYS C 19 8.95 -19.73 -10.07
CA LYS C 19 8.84 -18.44 -9.38
C LYS C 19 7.78 -17.56 -10.03
N ILE C 20 6.71 -17.28 -9.29
CA ILE C 20 5.59 -16.50 -9.81
C ILE C 20 5.69 -15.05 -9.35
N SER C 21 5.60 -14.13 -10.31
CA SER C 21 5.73 -12.70 -10.01
C SER C 21 4.41 -11.96 -10.08
N CYS C 22 3.94 -11.51 -8.93
CA CYS C 22 2.79 -10.62 -8.83
C CYS C 22 3.29 -9.19 -8.77
N LYS C 23 3.06 -8.42 -9.81
CA LYS C 23 3.56 -7.05 -9.88
C LYS C 23 2.47 -6.05 -9.47
N ALA C 24 2.86 -5.09 -8.62
CA ALA C 24 1.92 -4.16 -8.02
C ALA C 24 1.99 -2.78 -8.68
N PHE C 25 0.82 -2.24 -9.01
CA PHE C 25 0.72 -0.94 -9.68
C PHE C 25 -0.25 -0.01 -8.98
N GLY C 26 0.03 1.30 -9.05
CA GLY C 26 -0.91 2.34 -8.66
C GLY C 26 -1.09 2.63 -7.18
N TYR C 27 -0.16 2.16 -6.36
CA TYR C 27 -0.24 2.38 -4.92
C TYR C 27 1.16 2.35 -4.35
N THR C 28 1.31 2.80 -3.11
CA THR C 28 2.61 2.73 -2.46
C THR C 28 2.78 1.28 -2.03
N PHE C 29 3.76 0.61 -2.60
CA PHE C 29 3.87 -0.82 -2.47
C PHE C 29 4.26 -1.27 -1.07
N THR C 30 5.10 -0.50 -0.39
CA THR C 30 5.64 -0.89 0.90
C THR C 30 4.61 -0.79 2.02
N ASN C 31 3.55 -0.04 1.77
CA ASN C 31 2.56 0.23 2.81
C ASN C 31 1.65 -0.94 3.15
N HIS C 32 1.58 -1.93 2.27
CA HIS C 32 0.54 -2.95 2.38
C HIS C 32 1.03 -4.38 2.29
N HIS C 33 0.60 -5.21 3.24
CA HIS C 33 0.88 -6.65 3.22
C HIS C 33 0.41 -7.27 1.91
N ILE C 34 1.19 -8.21 1.38
CA ILE C 34 0.76 -8.98 0.22
C ILE C 34 0.50 -10.44 0.61
N ASN C 35 -0.68 -10.94 0.28
CA ASN C 35 -1.06 -12.31 0.62
C ASN C 35 -1.05 -13.25 -0.59
N TRP C 36 -0.75 -14.51 -0.33
CA TRP C 36 -0.70 -15.53 -1.35
C TRP C 36 -1.65 -16.69 -1.02
N MET C 37 -2.54 -17.00 -1.96
CA MET C 37 -3.57 -18.01 -1.77
C MET C 37 -3.65 -19.03 -2.92
N LYS C 38 -4.01 -20.25 -2.57
CA LYS C 38 -4.13 -21.33 -3.54
C LYS C 38 -5.59 -21.76 -3.72
N GLN C 39 -6.01 -21.91 -4.97
CA GLN C 39 -7.35 -22.39 -5.29
C GLN C 39 -7.33 -23.39 -6.43
N ARG C 40 -7.79 -24.61 -6.15
CA ARG C 40 -8.05 -25.59 -7.18
C ARG C 40 -9.34 -25.20 -7.88
N PRO C 41 -9.49 -25.58 -9.16
CA PRO C 41 -10.68 -25.17 -9.92
C PRO C 41 -11.99 -25.51 -9.19
N GLY C 42 -12.05 -26.71 -8.61
CA GLY C 42 -13.25 -27.12 -7.92
C GLY C 42 -13.16 -27.08 -6.41
N GLN C 43 -12.16 -26.39 -5.87
CA GLN C 43 -11.96 -26.36 -4.42
C GLN C 43 -11.98 -24.96 -3.84
N GLY C 44 -12.16 -24.86 -2.53
CA GLY C 44 -12.14 -23.59 -1.84
C GLY C 44 -10.73 -23.06 -1.70
N LEU C 45 -10.61 -21.77 -1.41
CA LEU C 45 -9.31 -21.11 -1.36
C LEU C 45 -8.53 -21.45 -0.09
N ASP C 46 -7.30 -21.91 -0.27
CA ASP C 46 -6.40 -22.14 0.84
C ASP C 46 -5.44 -20.97 0.92
N TRP C 47 -5.25 -20.41 2.11
CA TRP C 47 -4.26 -19.37 2.27
C TRP C 47 -2.88 -19.99 2.31
N ILE C 48 -2.02 -19.53 1.42
CA ILE C 48 -0.64 -20.00 1.38
C ILE C 48 0.14 -19.27 2.46
N GLY C 49 0.30 -17.96 2.30
CA GLY C 49 0.99 -17.16 3.28
C GLY C 49 1.21 -15.74 2.81
N TYR C 50 1.51 -14.82 3.72
CA TYR C 50 1.72 -13.43 3.33
C TYR C 50 3.15 -12.98 3.52
N ILE C 51 3.41 -11.74 3.10
CA ILE C 51 4.72 -11.13 3.20
C ILE C 51 4.51 -9.64 3.45
N ILE C 52 5.31 -9.07 4.33
CA ILE C 52 5.26 -7.64 4.61
C ILE C 52 6.29 -6.91 3.76
N PRO C 53 5.84 -6.18 2.75
CA PRO C 53 6.72 -5.64 1.70
C PRO C 53 7.79 -4.68 2.23
N TYR C 54 7.48 -3.91 3.27
CA TYR C 54 8.45 -2.97 3.85
C TYR C 54 9.67 -3.68 4.45
N ASN C 55 9.42 -4.58 5.40
CA ASN C 55 10.48 -5.33 6.07
C ASN C 55 10.78 -6.74 5.54
N ASP C 56 10.13 -7.13 4.44
CA ASP C 56 10.07 -8.54 4.04
C ASP C 56 9.32 -9.32 5.12
N TYR C 57 9.95 -10.30 5.73
CA TYR C 57 9.31 -11.02 6.83
C TYR C 57 8.02 -11.74 6.43
N THR C 58 8.17 -12.85 5.71
CA THR C 58 7.05 -13.69 5.30
C THR C 58 6.52 -14.59 6.43
N THR C 59 5.23 -14.93 6.34
CA THR C 59 4.65 -15.95 7.21
C THR C 59 3.81 -16.92 6.37
N ASN C 60 4.17 -18.20 6.38
CA ASN C 60 3.44 -19.21 5.62
C ASN C 60 2.51 -20.03 6.50
N ASN C 61 1.36 -20.41 5.95
CA ASN C 61 0.47 -21.34 6.63
C ASN C 61 1.17 -22.67 6.82
N ARG C 62 0.88 -23.35 7.92
CA ARG C 62 1.58 -24.58 8.26
C ARG C 62 1.65 -25.55 7.09
N LYS C 63 0.53 -25.70 6.39
CA LYS C 63 0.43 -26.67 5.30
C LYS C 63 1.46 -26.43 4.18
N PHE C 64 1.72 -25.17 3.88
CA PHE C 64 2.59 -24.82 2.75
C PHE C 64 4.04 -24.54 3.15
N LYS C 65 4.35 -24.77 4.42
CA LYS C 65 5.60 -24.28 5.01
C LYS C 65 6.86 -24.52 4.16
N GLY C 66 7.03 -25.73 3.66
CA GLY C 66 8.23 -26.06 2.89
C GLY C 66 8.11 -25.89 1.39
N LYS C 67 6.88 -25.76 0.89
CA LYS C 67 6.65 -25.72 -0.55
C LYS C 67 6.61 -24.32 -1.15
N ALA C 68 6.59 -23.30 -0.29
CA ALA C 68 6.44 -21.92 -0.77
C ALA C 68 7.39 -20.94 -0.10
N THR C 69 8.16 -20.22 -0.91
CA THR C 69 9.04 -19.18 -0.40
C THR C 69 8.64 -17.82 -0.93
N LEU C 70 8.33 -16.89 -0.03
CA LEU C 70 7.87 -15.57 -0.46
C LEU C 70 8.97 -14.52 -0.36
N THR C 71 9.20 -13.81 -1.46
CA THR C 71 10.18 -12.75 -1.47
C THR C 71 9.57 -11.49 -2.06
N VAL C 72 10.37 -10.43 -2.14
CA VAL C 72 9.88 -9.17 -2.69
C VAL C 72 11.00 -8.39 -3.36
N ASP C 73 10.66 -7.69 -4.44
CA ASP C 73 11.54 -6.71 -5.03
C ASP C 73 10.87 -5.35 -4.84
N ARG C 74 11.46 -4.54 -3.97
CA ARG C 74 10.87 -3.27 -3.59
C ARG C 74 11.05 -2.22 -4.67
N SER C 75 12.07 -2.43 -5.50
CA SER C 75 12.41 -1.49 -6.58
C SER C 75 11.36 -1.57 -7.68
N SER C 76 10.98 -2.79 -8.03
CA SER C 76 10.04 -3.03 -9.10
C SER C 76 8.59 -3.16 -8.60
N SER C 77 8.40 -2.97 -7.30
CA SER C 77 7.09 -3.10 -6.69
C SER C 77 6.48 -4.45 -7.01
N THR C 78 7.24 -5.51 -6.74
CA THR C 78 6.78 -6.85 -7.07
C THR C 78 6.91 -7.80 -5.89
N ALA C 79 5.95 -8.71 -5.77
CA ALA C 79 6.01 -9.80 -4.80
C ALA C 79 6.23 -11.11 -5.55
N TYR C 80 7.01 -12.02 -4.96
CA TYR C 80 7.30 -13.28 -5.62
C TYR C 80 6.99 -14.48 -4.75
N MET C 81 6.38 -15.50 -5.36
CA MET C 81 6.21 -16.78 -4.66
C MET C 81 6.90 -17.91 -5.42
N GLU C 82 7.85 -18.56 -4.77
CA GLU C 82 8.58 -19.66 -5.39
C GLU C 82 8.11 -21.00 -4.84
N LEU C 83 7.61 -21.84 -5.74
CA LEU C 83 7.12 -23.17 -5.39
C LEU C 83 8.11 -24.25 -5.78
N SER C 84 8.47 -25.09 -4.83
CA SER C 84 9.48 -26.11 -5.04
C SER C 84 8.91 -27.50 -4.82
N SER C 85 9.61 -28.51 -5.33
CA SER C 85 9.16 -29.89 -5.19
C SER C 85 7.75 -30.02 -5.76
N LEU C 86 7.58 -29.57 -7.00
CA LEU C 86 6.29 -29.58 -7.65
C LEU C 86 5.69 -30.99 -7.80
N THR C 87 4.38 -31.06 -7.66
CA THR C 87 3.62 -32.28 -7.90
C THR C 87 2.33 -31.89 -8.59
N SER C 88 1.63 -32.88 -9.14
CA SER C 88 0.35 -32.61 -9.79
C SER C 88 -0.63 -31.94 -8.83
N GLU C 89 -0.49 -32.23 -7.54
CA GLU C 89 -1.38 -31.66 -6.54
C GLU C 89 -1.07 -30.18 -6.33
N ASP C 90 0.16 -29.79 -6.67
CA ASP C 90 0.54 -28.39 -6.65
C ASP C 90 -0.10 -27.64 -7.82
N SER C 91 -0.65 -28.39 -8.78
CA SER C 91 -1.28 -27.74 -9.93
C SER C 91 -2.57 -27.07 -9.48
N ALA C 92 -2.64 -25.76 -9.69
CA ALA C 92 -3.80 -24.98 -9.26
C ALA C 92 -3.75 -23.56 -9.78
N VAL C 93 -4.73 -22.76 -9.38
CA VAL C 93 -4.69 -21.32 -9.62
C VAL C 93 -4.16 -20.64 -8.37
N TYR C 94 -3.22 -19.72 -8.55
CA TYR C 94 -2.65 -18.99 -7.42
C TYR C 94 -2.95 -17.50 -7.50
N TYR C 95 -3.45 -16.95 -6.41
CA TYR C 95 -3.80 -15.54 -6.34
C TYR C 95 -2.89 -14.78 -5.38
N CYS C 96 -2.45 -13.59 -5.79
CA CYS C 96 -1.88 -12.63 -4.86
C CYS C 96 -2.97 -11.59 -4.59
N ALA C 97 -3.17 -11.29 -3.31
CA ALA C 97 -4.17 -10.30 -2.92
C ALA C 97 -3.67 -9.48 -1.73
N ARG C 98 -3.80 -8.16 -1.82
CA ARG C 98 -3.45 -7.30 -0.71
C ARG C 98 -4.69 -6.71 -0.06
N GLY C 99 -4.94 -7.08 1.19
CA GLY C 99 -5.90 -6.33 1.99
C GLY C 99 -5.20 -5.03 2.29
N ASN C 100 -5.92 -4.04 2.80
CA ASN C 100 -5.27 -2.77 3.09
C ASN C 100 -4.53 -2.93 4.41
N TYR C 101 -3.21 -2.86 4.35
CA TYR C 101 -2.38 -3.04 5.53
C TYR C 101 -2.54 -4.44 6.14
N GLY C 102 -3.41 -5.24 5.52
CA GLY C 102 -3.61 -6.63 5.92
C GLY C 102 -4.40 -6.77 7.20
N ALA C 104 -10.71 -5.99 7.85
CA ALA C 104 -10.98 -6.51 6.51
C ALA C 104 -9.71 -7.05 5.87
N TRP C 105 -9.88 -8.02 4.97
CA TRP C 105 -8.72 -8.60 4.29
C TRP C 105 -8.98 -8.88 2.82
N PHE C 106 -7.90 -8.87 2.03
CA PHE C 106 -7.94 -9.15 0.60
C PHE C 106 -9.02 -8.39 -0.18
N ALA C 107 -8.90 -7.07 -0.23
CA ALA C 107 -9.85 -6.23 -0.97
C ALA C 107 -9.57 -6.14 -2.48
N TYR C 108 -8.31 -6.32 -2.88
CA TYR C 108 -7.91 -6.25 -4.27
C TYR C 108 -7.26 -7.57 -4.68
N TRP C 109 -7.67 -8.12 -5.82
CA TRP C 109 -7.21 -9.44 -6.25
C TRP C 109 -6.38 -9.41 -7.52
N GLY C 110 -5.50 -10.40 -7.67
CA GLY C 110 -4.77 -10.57 -8.92
C GLY C 110 -5.63 -11.28 -9.94
N GLN C 111 -5.17 -11.32 -11.19
CA GLN C 111 -5.89 -12.05 -12.23
C GLN C 111 -5.77 -13.55 -12.01
N GLY C 112 -4.75 -13.96 -11.25
CA GLY C 112 -4.52 -15.37 -11.00
C GLY C 112 -3.44 -15.93 -11.90
N THR C 113 -2.78 -16.98 -11.46
CA THR C 113 -1.75 -17.63 -12.26
C THR C 113 -1.94 -19.15 -12.27
N LEU C 114 -1.94 -19.75 -13.45
CA LEU C 114 -2.16 -21.20 -13.57
C LEU C 114 -0.86 -21.99 -13.65
N VAL C 115 -0.80 -23.07 -12.87
CA VAL C 115 0.36 -23.95 -12.88
C VAL C 115 -0.04 -25.39 -13.19
N THR C 116 0.53 -25.93 -14.26
CA THR C 116 0.27 -27.33 -14.62
C THR C 116 1.55 -28.15 -14.42
N VAL C 117 1.51 -29.07 -13.46
CA VAL C 117 2.66 -29.94 -13.23
C VAL C 117 2.46 -31.27 -13.94
N SER C 118 3.23 -31.44 -15.02
CA SER C 118 3.18 -32.66 -15.81
C SER C 118 4.43 -32.78 -16.66
N ALA C 119 4.76 -33.99 -17.08
CA ALA C 119 5.88 -34.20 -17.99
C ALA C 119 5.41 -33.99 -19.42
N ALA C 120 4.09 -33.98 -19.61
CA ALA C 120 3.49 -33.89 -20.94
C ALA C 120 4.01 -32.70 -21.73
N LYS C 121 4.27 -32.93 -23.01
CA LYS C 121 4.82 -31.88 -23.87
C LYS C 121 3.75 -30.90 -24.34
N THR C 122 4.19 -29.70 -24.68
CA THR C 122 3.32 -28.63 -25.11
C THR C 122 2.93 -28.76 -26.59
N THR C 123 1.62 -28.80 -26.85
CA THR C 123 1.13 -28.94 -28.21
C THR C 123 0.21 -27.77 -28.53
N PRO C 124 0.32 -27.24 -29.76
CA PRO C 124 -0.56 -26.16 -30.23
C PRO C 124 -1.96 -26.68 -30.56
N PRO C 125 -2.98 -25.84 -30.36
CA PRO C 125 -4.35 -26.24 -30.69
C PRO C 125 -4.62 -26.18 -32.19
N SER C 126 -5.42 -27.13 -32.67
CA SER C 126 -5.93 -27.10 -34.04
C SER C 126 -7.29 -26.42 -34.03
N VAL C 127 -7.45 -25.44 -34.90
CA VAL C 127 -8.68 -24.64 -34.95
C VAL C 127 -9.50 -24.95 -36.20
N TYR C 128 -10.62 -25.64 -36.01
CA TYR C 128 -11.51 -26.02 -37.11
C TYR C 128 -12.81 -25.22 -37.07
N PRO C 129 -13.17 -24.60 -38.20
CA PRO C 129 -14.42 -23.84 -38.30
C PRO C 129 -15.65 -24.76 -38.24
N LEU C 130 -16.68 -24.34 -37.50
CA LEU C 130 -17.94 -25.08 -37.53
C LEU C 130 -18.99 -24.27 -38.25
N ALA C 131 -19.27 -24.70 -39.49
CA ALA C 131 -20.30 -24.11 -40.33
C ALA C 131 -21.61 -24.90 -40.20
N PRO C 132 -22.74 -24.24 -40.47
CA PRO C 132 -24.00 -24.96 -40.57
C PRO C 132 -23.98 -25.92 -41.76
N GLY C 133 -24.64 -27.07 -41.63
CA GLY C 133 -24.68 -28.05 -42.69
C GLY C 133 -25.20 -27.48 -44.00
N SER C 134 -24.68 -28.00 -45.11
CA SER C 134 -25.06 -27.52 -46.44
C SER C 134 -26.57 -27.53 -46.63
N ALA C 135 -27.11 -26.41 -47.08
CA ALA C 135 -28.54 -26.28 -47.36
C ALA C 135 -29.41 -26.52 -46.13
N ALA C 136 -28.86 -26.29 -44.94
CA ALA C 136 -29.66 -26.34 -43.71
C ALA C 136 -30.58 -25.13 -43.67
N GLN C 137 -31.88 -25.38 -43.50
CA GLN C 137 -32.89 -24.33 -43.58
C GLN C 137 -32.56 -23.14 -42.66
N THR C 138 -32.77 -21.93 -43.18
CA THR C 138 -32.41 -20.72 -42.46
C THR C 138 -33.60 -20.11 -41.72
N ASN C 139 -33.34 -19.66 -40.49
CA ASN C 139 -34.34 -18.98 -39.67
C ASN C 139 -33.92 -17.53 -39.41
N SER C 140 -34.67 -16.84 -38.57
CA SER C 140 -34.35 -15.45 -38.23
C SER C 140 -32.92 -15.34 -37.73
N MET C 141 -32.37 -16.47 -37.30
CA MET C 141 -31.01 -16.51 -36.80
C MET C 141 -30.27 -17.79 -37.19
N VAL C 142 -28.96 -17.67 -37.31
CA VAL C 142 -28.07 -18.81 -37.53
C VAL C 142 -27.05 -18.87 -36.39
N THR C 143 -26.59 -20.08 -36.10
CA THR C 143 -25.58 -20.30 -35.07
C THR C 143 -24.32 -20.91 -35.68
N LEU C 144 -23.17 -20.38 -35.30
CA LEU C 144 -21.89 -20.81 -35.85
C LEU C 144 -20.97 -21.29 -34.73
N GLY C 145 -19.90 -21.97 -35.08
CA GLY C 145 -19.03 -22.53 -34.06
C GLY C 145 -17.53 -22.55 -34.35
N CYS C 146 -16.77 -22.80 -33.29
CA CYS C 146 -15.31 -22.83 -33.36
C CYS C 146 -14.82 -24.04 -32.56
N LEU C 147 -14.06 -24.91 -33.20
CA LEU C 147 -13.56 -26.12 -32.53
C LEU C 147 -12.06 -26.07 -32.27
N VAL C 148 -11.68 -25.97 -30.99
CA VAL C 148 -10.28 -25.95 -30.59
C VAL C 148 -9.90 -27.32 -30.02
N LYS C 149 -9.00 -28.03 -30.70
CA LYS C 149 -8.74 -29.41 -30.32
C LYS C 149 -7.26 -29.78 -30.26
N GLY C 150 -6.92 -30.70 -29.35
CA GLY C 150 -5.58 -31.26 -29.26
C GLY C 150 -4.49 -30.27 -28.86
N TYR C 151 -4.68 -29.63 -27.71
CA TYR C 151 -3.71 -28.65 -27.22
C TYR C 151 -3.35 -28.92 -25.77
N PHE C 152 -2.32 -28.26 -25.27
CA PHE C 152 -1.82 -28.50 -23.93
C PHE C 152 -0.68 -27.54 -23.63
N PRO C 153 -0.67 -26.96 -22.41
CA PRO C 153 -1.70 -27.08 -21.38
C PRO C 153 -2.75 -25.98 -21.53
N GLU C 154 -3.67 -25.90 -20.57
CA GLU C 154 -4.63 -24.80 -20.51
C GLU C 154 -3.87 -23.52 -20.21
N PRO C 155 -4.51 -22.35 -20.38
CA PRO C 155 -5.81 -22.08 -21.00
C PRO C 155 -5.69 -21.70 -22.48
N VAL C 156 -6.82 -21.36 -23.09
CA VAL C 156 -6.84 -20.78 -24.42
C VAL C 156 -7.86 -19.65 -24.49
N THR C 157 -7.45 -18.52 -25.07
CA THR C 157 -8.35 -17.39 -25.22
C THR C 157 -9.09 -17.45 -26.54
N VAL C 158 -10.41 -17.56 -26.47
CA VAL C 158 -11.21 -17.64 -27.69
C VAL C 158 -12.25 -16.51 -27.72
N THR C 159 -12.12 -15.62 -28.70
CA THR C 159 -13.07 -14.53 -28.85
C THR C 159 -13.58 -14.47 -30.27
N TRP C 160 -14.52 -13.56 -30.54
CA TRP C 160 -15.09 -13.39 -31.86
C TRP C 160 -14.89 -11.97 -32.38
N ASN C 161 -14.51 -11.86 -33.65
CA ASN C 161 -14.26 -10.57 -34.28
C ASN C 161 -13.38 -9.66 -33.42
N SER C 162 -12.28 -10.22 -32.92
CA SER C 162 -11.34 -9.48 -32.08
C SER C 162 -11.97 -8.99 -30.78
N GLY C 163 -13.01 -9.69 -30.34
CA GLY C 163 -13.69 -9.37 -29.09
C GLY C 163 -14.87 -8.44 -29.30
N SER C 164 -15.11 -8.08 -30.55
CA SER C 164 -16.19 -7.16 -30.89
C SER C 164 -17.58 -7.73 -30.59
N LEU C 165 -17.79 -9.02 -30.88
CA LEU C 165 -19.06 -9.64 -30.57
C LEU C 165 -18.93 -10.48 -29.31
N SER C 166 -19.42 -9.94 -28.21
CA SER C 166 -19.41 -10.62 -26.92
C SER C 166 -20.77 -11.19 -26.50
N SER C 167 -21.81 -10.91 -27.28
CA SER C 167 -23.17 -11.16 -26.82
C SER C 167 -23.77 -12.41 -27.44
N GLY C 168 -24.31 -13.28 -26.57
CA GLY C 168 -24.93 -14.51 -27.01
C GLY C 168 -23.92 -15.56 -27.43
N VAL C 169 -22.76 -15.53 -26.77
CA VAL C 169 -21.70 -16.49 -27.05
C VAL C 169 -21.49 -17.41 -25.86
N HIS C 170 -21.41 -18.70 -26.12
CA HIS C 170 -21.15 -19.68 -25.07
C HIS C 170 -19.85 -20.42 -25.34
N THR C 171 -18.86 -20.21 -24.49
CA THR C 171 -17.61 -20.94 -24.57
C THR C 171 -17.52 -22.01 -23.49
N PHE C 172 -17.47 -23.26 -23.93
CA PHE C 172 -17.57 -24.40 -23.04
C PHE C 172 -16.21 -24.80 -22.46
N PRO C 173 -16.23 -25.33 -21.23
CA PRO C 173 -15.03 -25.82 -20.55
C PRO C 173 -14.27 -26.86 -21.37
N ALA C 174 -12.95 -26.76 -21.38
CA ALA C 174 -12.14 -27.76 -22.05
C ALA C 174 -12.30 -29.09 -21.34
N VAL C 175 -12.17 -30.17 -22.10
CA VAL C 175 -12.21 -31.50 -21.51
C VAL C 175 -10.93 -32.24 -21.86
N LEU C 176 -10.29 -32.82 -20.84
CA LEU C 176 -9.00 -33.47 -21.06
C LEU C 176 -9.20 -34.94 -21.41
N GLN C 177 -8.87 -35.27 -22.65
CA GLN C 177 -8.89 -36.65 -23.11
C GLN C 177 -7.56 -36.98 -23.79
N SER C 178 -6.84 -37.94 -23.22
CA SER C 178 -5.55 -38.37 -23.75
C SER C 178 -4.47 -37.28 -23.74
N ASP C 179 -4.32 -36.64 -22.58
CA ASP C 179 -3.24 -35.67 -22.36
C ASP C 179 -3.41 -34.39 -23.17
N LEU C 180 -4.42 -34.33 -24.03
CA LEU C 180 -4.68 -33.13 -24.80
C LEU C 180 -6.05 -32.56 -24.46
N TYR C 181 -6.13 -31.23 -24.45
CA TYR C 181 -7.36 -30.54 -24.11
C TYR C 181 -8.17 -30.19 -25.34
N THR C 182 -9.49 -30.27 -25.21
CA THR C 182 -10.39 -29.95 -26.30
C THR C 182 -11.58 -29.14 -25.80
N LEU C 183 -11.86 -28.03 -26.48
CA LEU C 183 -13.04 -27.23 -26.18
C LEU C 183 -13.62 -26.61 -27.44
N SER C 184 -14.85 -26.13 -27.34
CA SER C 184 -15.52 -25.51 -28.47
C SER C 184 -16.31 -24.30 -28.02
N SER C 185 -16.50 -23.33 -28.92
CA SER C 185 -17.25 -22.12 -28.61
C SER C 185 -18.33 -21.84 -29.65
N SER C 186 -19.52 -21.50 -29.19
CA SER C 186 -20.67 -21.28 -30.09
C SER C 186 -21.14 -19.84 -30.05
N VAL C 187 -21.48 -19.30 -31.21
CA VAL C 187 -22.01 -17.94 -31.28
C VAL C 187 -23.33 -17.89 -32.04
N THR C 188 -24.26 -17.09 -31.53
CA THR C 188 -25.57 -16.94 -32.16
C THR C 188 -25.70 -15.55 -32.79
N VAL C 189 -26.04 -15.51 -34.08
CA VAL C 189 -26.23 -14.23 -34.75
C VAL C 189 -27.44 -14.28 -35.68
N PRO C 190 -28.07 -13.13 -35.95
CA PRO C 190 -29.20 -13.13 -36.87
C PRO C 190 -28.82 -13.68 -38.25
N SER C 191 -29.79 -14.16 -39.01
CA SER C 191 -29.51 -14.70 -40.34
C SER C 191 -29.07 -13.59 -41.30
N SER C 192 -29.65 -12.40 -41.12
CA SER C 192 -29.27 -11.24 -41.90
C SER C 192 -27.85 -10.78 -41.59
N THR C 193 -27.28 -11.31 -40.52
CA THR C 193 -25.91 -11.02 -40.12
C THR C 193 -24.88 -11.82 -40.93
N TRP C 194 -25.21 -13.07 -41.20
CA TRP C 194 -24.28 -13.98 -41.87
C TRP C 194 -24.96 -14.71 -43.03
N PRO C 195 -24.23 -14.97 -44.12
CA PRO C 195 -22.84 -14.61 -44.45
C PRO C 195 -22.62 -13.11 -44.67
N SER C 196 -23.72 -12.36 -44.79
CA SER C 196 -23.68 -10.98 -45.23
C SER C 196 -22.62 -10.15 -44.50
N GLU C 197 -22.26 -10.56 -43.30
CA GLU C 197 -21.14 -9.96 -42.58
C GLU C 197 -20.18 -11.04 -42.06
N THR C 198 -18.89 -10.77 -42.15
CA THR C 198 -17.86 -11.76 -41.84
C THR C 198 -17.79 -12.11 -40.36
N VAL C 199 -17.83 -13.41 -40.06
CA VAL C 199 -17.72 -13.90 -38.69
C VAL C 199 -16.43 -14.71 -38.53
N THR C 200 -15.59 -14.30 -37.58
CA THR C 200 -14.25 -14.89 -37.43
C THR C 200 -13.91 -15.35 -36.01
N CYS C 201 -13.11 -16.41 -35.94
CA CYS C 201 -12.61 -16.97 -34.69
C CYS C 201 -11.25 -16.38 -34.36
N ASN C 202 -11.11 -15.87 -33.14
CA ASN C 202 -9.81 -15.47 -32.62
C ASN C 202 -9.39 -16.45 -31.52
N VAL C 203 -8.42 -17.29 -31.84
CA VAL C 203 -7.97 -18.31 -30.91
C VAL C 203 -6.53 -18.06 -30.54
N ALA C 204 -6.24 -18.11 -29.24
CA ALA C 204 -4.89 -17.84 -28.78
C ALA C 204 -4.44 -18.84 -27.74
N HIS C 205 -3.36 -19.55 -28.03
CA HIS C 205 -2.69 -20.38 -27.05
C HIS C 205 -1.37 -19.71 -26.70
N PRO C 206 -1.28 -19.12 -25.49
CA PRO C 206 -0.04 -18.48 -25.06
C PRO C 206 1.12 -19.47 -24.91
N ALA C 207 0.86 -20.61 -24.28
CA ALA C 207 1.91 -21.58 -23.99
C ALA C 207 2.66 -22.01 -25.24
N SER C 208 1.94 -22.20 -26.34
CA SER C 208 2.55 -22.56 -27.62
C SER C 208 2.85 -21.31 -28.45
N SER C 209 2.35 -20.17 -27.99
CA SER C 209 2.54 -18.90 -28.68
C SER C 209 1.92 -18.92 -30.08
N THR C 210 0.67 -19.35 -30.17
CA THR C 210 -0.04 -19.40 -31.46
C THR C 210 -1.34 -18.62 -31.44
N LYS C 211 -1.40 -17.55 -32.25
CA LYS C 211 -2.63 -16.81 -32.42
C LYS C 211 -3.16 -17.08 -33.82
N VAL C 212 -4.24 -17.85 -33.89
CA VAL C 212 -4.83 -18.28 -35.14
C VAL C 212 -6.24 -17.69 -35.28
N ASP C 213 -6.55 -17.21 -36.47
CA ASP C 213 -7.88 -16.70 -36.77
C ASP C 213 -8.53 -17.53 -37.86
N LYS C 214 -9.80 -17.89 -37.67
CA LYS C 214 -10.48 -18.75 -38.64
C LYS C 214 -11.79 -18.14 -39.14
N LYS C 215 -11.88 -17.91 -40.45
CA LYS C 215 -13.10 -17.41 -41.05
C LYS C 215 -14.17 -18.50 -41.05
N ILE C 216 -15.41 -18.12 -40.73
CA ILE C 216 -16.53 -19.04 -40.87
C ILE C 216 -17.24 -18.79 -42.20
N VAL C 217 -17.24 -19.80 -43.08
CA VAL C 217 -17.86 -19.68 -44.38
C VAL C 217 -18.91 -20.78 -44.59
N PRO C 218 -19.96 -20.46 -45.36
CA PRO C 218 -21.07 -21.39 -45.66
C PRO C 218 -20.60 -22.62 -46.43
N ARG C 219 -21.37 -23.71 -46.33
CA ARG C 219 -21.05 -24.94 -47.03
C ARG C 219 -21.82 -25.02 -48.36
C1' SOG D . -0.64 23.61 -5.13
C2' SOG D . -1.51 24.75 -4.73
C3' SOG D . -1.95 24.64 -3.30
C4' SOG D . -2.78 25.83 -2.96
C5' SOG D . -3.36 25.72 -1.59
C6' SOG D . -3.95 27.05 -1.23
C7' SOG D . -4.53 26.99 0.15
C8' SOG D . -5.06 28.32 0.53
#